data_4NUR
#
_entry.id   4NUR
#
_cell.length_a   89.780
_cell.length_b   76.656
_cell.length_c   103.178
_cell.angle_alpha   90.000
_cell.angle_beta   95.030
_cell.angle_gamma   90.000
#
_symmetry.space_group_name_H-M   'P 1 21 1'
#
loop_
_entity.id
_entity.type
_entity.pdbx_description
1 polymer PSdsA
2 non-polymer 'ZINC ION'
3 non-polymer 'MAGNESIUM ION'
4 water water
#
_entity_poly.entity_id   1
_entity_poly.type   'polypeptide(L)'
_entity_poly.pdbx_seq_one_letter_code
;AETAKPATDATKAANDALLKELPFDDKTSFDLAHKGFIAPLPAEPIKGEKGNMIWDPSKYGFIKEGEAAPDTTNPSLWRQ
SQLINISGLFEVTDGIYQVRNYDLSNMTIVEGKDGITIFDPLISQETAKAALDLYYKHRPKKPVVAVIYTHSHVDHYGGV
RGVVDEADVKAGKVKIYAPLGFLEHAVAENVMAGTAMSRRASYMYGNLLPPDAKGQLGAGLGTTTSAGTVTLIPPTDIIK
ETGETHVIDGLTYEFMYAPGSEAPAEMLYYIKEKKALNAAEDSTHTLHNTYSLRGAKIRDPLAWSKYLNEALKLWGDDVQ
VMYAMHHWPVWGNKEVREQLSLQRDMYRYINDETLRLANKGYTMTEIAEQVKLPKKIATKFSNRGYYGSLNHNVKATYVL
YLGWFIGNPATLWELPPADKAKRYVEMMGGADAVLKKAKEYYDKGDFRWVAEVVNHVVFAEPNNQAAKNMQADALEQLGY
QAESGPWRNFYLTGAQELRNGVQQLPTPDTASPDTVKAMDLDLFFDFLAMRLKGPDVADKHITLNLDFTDLKQKYTLEMV
NGVLNHTEGMQAKNADATVTLTRETLNNVMLKQTTLKDAESSGDIKIEGDKGKLEELMSYMDNFDFWFNIVTP
;
_entity_poly.pdbx_strand_id   A,B
#
# COMPACT_ATOMS: atom_id res chain seq x y z
N ALA A 1 21.56 -34.36 -9.61
CA ALA A 1 21.16 -32.95 -9.56
C ALA A 1 22.28 -32.06 -10.08
N GLU A 2 21.95 -31.08 -10.91
CA GLU A 2 22.97 -30.13 -11.34
C GLU A 2 23.44 -29.25 -10.19
N THR A 3 24.62 -28.66 -10.34
CA THR A 3 25.20 -27.82 -9.30
C THR A 3 25.64 -26.48 -9.86
N ALA A 4 26.19 -25.64 -8.98
CA ALA A 4 26.53 -24.26 -9.36
C ALA A 4 27.55 -24.19 -10.50
N LYS A 5 27.38 -23.20 -11.37
CA LYS A 5 28.24 -23.04 -12.54
C LYS A 5 29.27 -21.93 -12.32
N PRO A 6 30.33 -21.91 -13.13
CA PRO A 6 31.24 -20.76 -13.10
C PRO A 6 30.53 -19.49 -13.54
N ALA A 7 31.11 -18.34 -13.23
CA ALA A 7 30.59 -17.07 -13.74
C ALA A 7 30.79 -17.02 -15.25
N THR A 8 29.77 -16.59 -15.99
CA THR A 8 29.91 -16.42 -17.44
C THR A 8 30.72 -15.16 -17.73
N ASP A 9 31.14 -15.01 -18.98
CA ASP A 9 31.83 -13.78 -19.39
C ASP A 9 30.94 -12.55 -19.18
N ALA A 10 29.65 -12.68 -19.45
CA ALA A 10 28.73 -11.54 -19.25
C ALA A 10 28.67 -11.12 -17.78
N THR A 11 28.63 -12.10 -16.89
CA THR A 11 28.61 -11.82 -15.46
C THR A 11 29.90 -11.14 -15.00
N LYS A 12 31.06 -11.64 -15.47
CA LYS A 12 32.32 -11.01 -15.11
C LYS A 12 32.38 -9.58 -15.63
N ALA A 13 31.86 -9.35 -16.82
CA ALA A 13 31.89 -8.00 -17.38
C ALA A 13 31.01 -7.05 -16.59
N ALA A 14 29.80 -7.50 -16.24
CA ALA A 14 28.90 -6.68 -15.45
C ALA A 14 29.50 -6.31 -14.10
N ASN A 15 30.07 -7.30 -13.42
CA ASN A 15 30.69 -7.04 -12.11
C ASN A 15 31.94 -6.17 -12.23
N ASP A 16 32.74 -6.42 -13.26
CA ASP A 16 33.97 -5.66 -13.45
C ASP A 16 33.68 -4.19 -13.76
N ALA A 17 32.55 -3.93 -14.41
CA ALA A 17 32.17 -2.56 -14.75
C ALA A 17 31.92 -1.74 -13.49
N LEU A 18 31.51 -2.40 -12.42
CA LEU A 18 31.27 -1.72 -11.16
C LEU A 18 32.55 -1.16 -10.55
N LEU A 19 33.69 -1.79 -10.84
CA LEU A 19 34.97 -1.32 -10.30
C LEU A 19 35.35 0.05 -10.84
N LYS A 20 34.80 0.41 -12.00
CA LYS A 20 35.11 1.69 -12.62
C LYS A 20 34.23 2.79 -12.06
N GLU A 21 33.14 2.40 -11.40
CA GLU A 21 32.13 3.35 -10.91
C GLU A 21 32.24 3.70 -9.42
N LEU A 22 32.74 2.76 -8.62
CA LEU A 22 32.84 2.95 -7.17
C LEU A 22 34.31 3.07 -6.76
N PRO A 23 34.61 3.90 -5.75
CA PRO A 23 35.99 4.14 -5.32
C PRO A 23 36.51 3.04 -4.39
N PHE A 24 36.94 1.92 -4.97
CA PHE A 24 37.37 0.80 -4.13
C PHE A 24 38.67 1.10 -3.37
N ASP A 25 39.36 2.19 -3.74
CA ASP A 25 40.52 2.65 -2.98
C ASP A 25 40.17 3.31 -1.64
N ASP A 26 38.91 3.70 -1.49
CA ASP A 26 38.45 4.32 -0.24
C ASP A 26 38.21 3.24 0.81
N LYS A 27 38.95 3.31 1.91
CA LYS A 27 38.83 2.30 2.97
C LYS A 27 38.16 2.85 4.24
N THR A 28 37.51 4.00 4.12
CA THR A 28 36.83 4.62 5.26
C THR A 28 35.92 3.66 6.03
N SER A 29 35.11 2.89 5.30
CA SER A 29 34.22 1.91 5.92
C SER A 29 34.94 1.02 6.91
N PHE A 30 36.12 0.56 6.53
CA PHE A 30 36.86 -0.37 7.38
C PHE A 30 37.40 0.30 8.62
N ASP A 31 37.90 1.52 8.47
CA ASP A 31 38.38 2.29 9.60
C ASP A 31 37.26 2.49 10.62
N LEU A 32 36.07 2.80 10.12
CA LEU A 32 34.93 3.06 10.99
C LEU A 32 34.45 1.78 11.64
N ALA A 33 34.49 0.67 10.90
CA ALA A 33 33.98 -0.59 11.45
C ALA A 33 34.90 -1.17 12.52
N HIS A 34 36.20 -0.85 12.44
CA HIS A 34 37.16 -1.36 13.43
C HIS A 34 37.31 -0.42 14.63
N LYS A 35 36.81 0.81 14.52
CA LYS A 35 37.04 1.81 15.56
C LYS A 35 36.37 1.44 16.89
N GLY A 36 37.11 1.60 17.99
CA GLY A 36 36.54 1.40 19.31
C GLY A 36 36.41 -0.05 19.73
N PHE A 37 37.05 -0.94 19.00
CA PHE A 37 37.02 -2.36 19.34
C PHE A 37 37.56 -2.65 20.74
N ILE A 38 36.80 -3.44 21.50
CA ILE A 38 37.17 -3.77 22.87
C ILE A 38 37.52 -5.25 22.97
N ALA A 39 36.65 -6.11 22.44
CA ALA A 39 36.79 -7.55 22.61
C ALA A 39 36.04 -8.33 21.55
N PRO A 40 36.58 -9.51 21.17
CA PRO A 40 35.90 -10.35 20.17
C PRO A 40 34.74 -11.14 20.77
N LEU A 41 33.87 -11.64 19.91
CA LEU A 41 32.81 -12.55 20.34
C LEU A 41 33.42 -13.90 20.71
N PRO A 42 32.78 -14.63 21.65
CA PRO A 42 33.26 -15.98 21.92
C PRO A 42 33.26 -16.83 20.65
N ALA A 43 34.27 -17.67 20.48
CA ALA A 43 34.39 -18.43 19.23
C ALA A 43 33.44 -19.62 19.18
N GLU A 44 33.04 -20.12 20.35
CA GLU A 44 32.22 -21.32 20.41
C GLU A 44 30.80 -21.01 19.97
N PRO A 45 30.27 -21.79 19.01
CA PRO A 45 28.91 -21.53 18.53
C PRO A 45 27.87 -21.71 19.63
N ILE A 46 26.79 -20.94 19.55
CA ILE A 46 25.71 -21.08 20.51
C ILE A 46 24.76 -22.15 20.02
N LYS A 47 24.56 -23.17 20.84
CA LYS A 47 23.66 -24.27 20.48
C LYS A 47 22.50 -24.39 21.46
N GLY A 48 21.34 -24.82 20.96
CA GLY A 48 20.18 -25.01 21.80
C GLY A 48 20.29 -26.33 22.54
N GLU A 49 19.30 -26.64 23.37
CA GLU A 49 19.35 -27.86 24.18
C GLU A 49 19.50 -29.13 23.34
N LYS A 50 18.81 -29.19 22.20
CA LYS A 50 18.90 -30.35 21.32
C LYS A 50 20.10 -30.24 20.39
N GLY A 51 21.04 -29.37 20.73
CA GLY A 51 22.21 -29.16 19.91
C GLY A 51 21.91 -28.56 18.55
N ASN A 52 20.76 -27.90 18.44
CA ASN A 52 20.43 -27.12 17.26
C ASN A 52 21.31 -25.87 17.21
N MET A 53 21.70 -25.47 16.01
CA MET A 53 22.55 -24.28 15.88
C MET A 53 21.72 -23.03 16.07
N ILE A 54 22.11 -22.22 17.06
CA ILE A 54 21.48 -20.92 17.26
C ILE A 54 22.32 -19.81 16.60
N TRP A 55 23.62 -19.85 16.82
CA TRP A 55 24.51 -18.87 16.21
C TRP A 55 25.92 -19.41 16.01
N ASP A 56 26.36 -19.48 14.76
CA ASP A 56 27.73 -19.92 14.47
C ASP A 56 28.55 -18.71 14.03
N PRO A 57 29.44 -18.23 14.92
CA PRO A 57 30.26 -17.05 14.63
C PRO A 57 31.29 -17.27 13.53
N SER A 58 31.45 -18.52 13.08
CA SER A 58 32.40 -18.83 12.01
C SER A 58 31.70 -19.12 10.68
N LYS A 59 30.38 -18.89 10.63
CA LYS A 59 29.55 -19.27 9.48
C LYS A 59 30.09 -18.74 8.16
N TYR A 60 30.49 -17.47 8.15
CA TYR A 60 31.00 -16.83 6.93
C TYR A 60 32.51 -16.60 7.01
N GLY A 61 33.21 -17.51 7.69
CA GLY A 61 34.65 -17.38 7.88
C GLY A 61 35.43 -17.31 6.58
N PHE A 62 34.83 -17.79 5.49
CA PHE A 62 35.50 -17.80 4.19
C PHE A 62 35.65 -16.40 3.62
N ILE A 63 34.90 -15.45 4.17
CA ILE A 63 34.96 -14.07 3.69
C ILE A 63 35.96 -13.32 4.56
N LYS A 64 37.17 -13.14 4.03
CA LYS A 64 38.23 -12.52 4.82
C LYS A 64 38.58 -11.12 4.33
N GLU A 65 38.85 -10.24 5.27
CA GLU A 65 39.29 -8.88 4.95
C GLU A 65 40.57 -8.92 4.13
N GLY A 66 40.67 -8.09 3.09
CA GLY A 66 41.87 -8.04 2.28
C GLY A 66 41.91 -9.08 1.16
N GLU A 67 40.97 -10.01 1.19
CA GLU A 67 40.88 -11.07 0.18
C GLU A 67 40.07 -10.61 -1.03
N ALA A 68 40.57 -10.90 -2.22
CA ALA A 68 39.90 -10.49 -3.45
C ALA A 68 38.52 -11.11 -3.61
N ALA A 69 37.59 -10.36 -4.19
CA ALA A 69 36.26 -10.90 -4.47
C ALA A 69 36.34 -12.02 -5.48
N PRO A 70 35.71 -13.17 -5.16
CA PRO A 70 35.62 -14.27 -6.14
C PRO A 70 34.82 -13.80 -7.35
N ASP A 71 35.06 -14.37 -8.53
CA ASP A 71 34.38 -13.88 -9.73
C ASP A 71 32.90 -14.26 -9.80
N THR A 72 32.43 -14.99 -8.80
CA THR A 72 31.01 -15.33 -8.69
C THR A 72 30.31 -14.44 -7.67
N THR A 73 30.98 -13.35 -7.28
CA THR A 73 30.38 -12.38 -6.36
C THR A 73 30.50 -10.97 -6.92
N ASN A 74 29.46 -10.16 -6.69
CA ASN A 74 29.52 -8.74 -7.00
C ASN A 74 30.56 -8.11 -6.05
N PRO A 75 31.52 -7.36 -6.61
CA PRO A 75 32.65 -6.89 -5.80
C PRO A 75 32.24 -5.91 -4.73
N SER A 76 31.16 -5.18 -4.98
CA SER A 76 30.63 -4.26 -3.98
C SER A 76 29.98 -5.02 -2.83
N LEU A 77 29.20 -6.05 -3.14
CA LEU A 77 28.61 -6.88 -2.09
C LEU A 77 29.69 -7.66 -1.33
N TRP A 78 30.75 -8.04 -2.02
CA TRP A 78 31.84 -8.74 -1.35
C TRP A 78 32.46 -7.83 -0.31
N ARG A 79 32.69 -6.58 -0.69
CA ARG A 79 33.24 -5.58 0.24
C ARG A 79 32.35 -5.43 1.47
N GLN A 80 31.05 -5.27 1.22
CA GLN A 80 30.09 -5.12 2.31
C GLN A 80 30.06 -6.35 3.21
N SER A 81 30.21 -7.52 2.60
CA SER A 81 30.20 -8.77 3.35
C SER A 81 31.43 -8.88 4.25
N GLN A 82 32.57 -8.34 3.82
CA GLN A 82 33.74 -8.28 4.70
C GLN A 82 33.42 -7.40 5.91
N LEU A 83 32.79 -6.26 5.64
CA LEU A 83 32.48 -5.26 6.67
C LEU A 83 31.51 -5.76 7.74
N ILE A 84 30.45 -6.43 7.33
CA ILE A 84 29.43 -6.87 8.30
C ILE A 84 29.90 -8.04 9.14
N ASN A 85 31.00 -8.68 8.73
CA ASN A 85 31.56 -9.76 9.53
C ASN A 85 32.55 -9.26 10.58
N ILE A 86 32.81 -7.96 10.60
CA ILE A 86 33.62 -7.35 11.65
C ILE A 86 32.78 -7.37 12.94
N SER A 87 33.23 -8.15 13.92
CA SER A 87 32.38 -8.54 15.04
C SER A 87 32.99 -8.20 16.40
N GLY A 88 32.13 -8.12 17.42
CA GLY A 88 32.62 -7.97 18.78
C GLY A 88 31.95 -6.89 19.60
N LEU A 89 32.60 -6.55 20.72
CA LEU A 89 32.14 -5.47 21.57
C LEU A 89 32.94 -4.23 21.21
N PHE A 90 32.23 -3.11 21.00
CA PHE A 90 32.85 -1.86 20.55
C PHE A 90 32.39 -0.70 21.42
N GLU A 91 33.27 0.27 21.65
CA GLU A 91 32.84 1.55 22.22
C GLU A 91 32.44 2.49 21.08
N VAL A 92 31.26 3.11 21.21
CA VAL A 92 30.81 4.14 20.28
C VAL A 92 31.33 5.51 20.74
N THR A 93 31.06 5.82 22.01
CA THR A 93 31.54 7.05 22.64
C THR A 93 31.50 6.82 24.14
N ASP A 94 31.92 7.79 24.94
CA ASP A 94 31.89 7.62 26.39
C ASP A 94 30.52 7.09 26.87
N GLY A 95 30.53 5.91 27.47
CA GLY A 95 29.32 5.36 28.05
C GLY A 95 28.34 4.71 27.08
N ILE A 96 28.73 4.59 25.81
CA ILE A 96 27.88 3.90 24.83
C ILE A 96 28.67 2.80 24.12
N TYR A 97 28.17 1.57 24.22
CA TYR A 97 28.81 0.40 23.66
C TYR A 97 27.86 -0.38 22.78
N GLN A 98 28.41 -1.08 21.79
CA GLN A 98 27.59 -1.98 20.98
C GLN A 98 28.25 -3.33 20.85
N VAL A 99 27.44 -4.37 20.76
CA VAL A 99 27.92 -5.69 20.39
C VAL A 99 27.41 -5.91 18.97
N ARG A 100 28.33 -6.15 18.05
CA ARG A 100 27.99 -6.21 16.64
C ARG A 100 28.20 -7.60 16.09
N ASN A 101 27.29 -8.02 15.22
CA ASN A 101 27.34 -9.34 14.58
C ASN A 101 27.28 -10.55 15.54
N TYR A 102 26.54 -10.40 16.64
CA TYR A 102 26.11 -11.58 17.39
C TYR A 102 24.69 -11.92 16.94
N ASP A 103 24.19 -11.12 16.00
CA ASP A 103 22.87 -11.36 15.38
C ASP A 103 22.78 -10.47 14.16
N LEU A 104 21.63 -10.49 13.49
CA LEU A 104 21.43 -9.62 12.33
C LEU A 104 21.59 -8.16 12.73
N SER A 105 21.08 -7.84 13.91
CA SER A 105 21.13 -6.49 14.46
C SER A 105 22.25 -6.35 15.50
N ASN A 106 22.51 -5.10 15.89
CA ASN A 106 23.41 -4.79 16.99
C ASN A 106 22.64 -4.76 18.29
N MET A 107 23.30 -5.00 19.42
CA MET A 107 22.70 -4.64 20.69
C MET A 107 23.48 -3.45 21.23
N THR A 108 22.79 -2.49 21.81
CA THR A 108 23.48 -1.28 22.30
C THR A 108 23.28 -1.16 23.81
N ILE A 109 24.32 -0.73 24.50
CA ILE A 109 24.27 -0.59 25.95
C ILE A 109 24.74 0.82 26.33
N VAL A 110 23.91 1.53 27.09
CA VAL A 110 24.24 2.90 27.50
C VAL A 110 24.34 2.98 29.01
N GLU A 111 25.48 3.49 29.48
CA GLU A 111 25.75 3.61 30.90
C GLU A 111 25.24 4.93 31.44
N GLY A 112 24.40 4.86 32.47
CA GLY A 112 23.80 6.06 33.04
C GLY A 112 24.21 6.22 34.48
N LYS A 113 23.40 6.94 35.24
CA LYS A 113 23.74 7.24 36.64
C LYS A 113 23.90 6.00 37.53
N ASP A 114 22.96 5.07 37.44
CA ASP A 114 22.90 3.95 38.38
C ASP A 114 22.98 2.59 37.71
N GLY A 115 22.77 2.55 36.41
CA GLY A 115 22.74 1.29 35.71
C GLY A 115 23.01 1.39 34.22
N ILE A 116 22.50 0.41 33.50
CA ILE A 116 22.61 0.43 32.05
C ILE A 116 21.24 0.31 31.42
N THR A 117 21.13 0.85 30.21
CA THR A 117 19.92 0.77 29.41
C THR A 117 20.32 0.01 28.15
N ILE A 118 19.50 -0.97 27.77
CA ILE A 118 19.78 -1.80 26.60
C ILE A 118 18.86 -1.39 25.48
N PHE A 119 19.39 -1.18 24.27
CA PHE A 119 18.53 -0.96 23.11
C PHE A 119 18.55 -2.21 22.24
N ASP A 120 17.37 -2.61 21.77
CA ASP A 120 17.23 -3.59 20.71
C ASP A 120 17.96 -4.91 20.93
N PRO A 121 17.47 -5.72 21.88
CA PRO A 121 18.16 -6.94 22.29
C PRO A 121 18.05 -8.13 21.33
N LEU A 122 18.35 -7.92 20.05
CA LEU A 122 18.57 -9.01 19.07
C LEU A 122 17.32 -9.86 18.83
N ILE A 123 17.50 -10.97 18.09
CA ILE A 123 16.39 -11.87 17.75
C ILE A 123 16.13 -12.94 18.81
N SER A 124 17.18 -13.53 19.35
CA SER A 124 17.06 -14.69 20.23
C SER A 124 17.53 -14.36 21.62
N GLN A 125 16.84 -14.92 22.62
CA GLN A 125 17.28 -14.68 24.00
C GLN A 125 18.71 -15.15 24.24
N GLU A 126 19.13 -16.21 23.54
CA GLU A 126 20.47 -16.75 23.72
C GLU A 126 21.59 -15.86 23.19
N THR A 127 21.37 -15.20 22.05
CA THR A 127 22.36 -14.26 21.55
C THR A 127 22.40 -13.00 22.39
N ALA A 128 21.23 -12.52 22.82
CA ALA A 128 21.17 -11.33 23.65
C ALA A 128 21.88 -11.55 24.97
N LYS A 129 21.64 -12.70 25.59
CA LYS A 129 22.32 -13.04 26.83
C LYS A 129 23.84 -13.09 26.66
N ALA A 130 24.30 -13.73 25.57
CA ALA A 130 25.72 -13.81 25.30
C ALA A 130 26.30 -12.42 25.04
N ALA A 131 25.53 -11.58 24.36
CA ALA A 131 25.96 -10.21 24.10
C ALA A 131 26.12 -9.42 25.40
N LEU A 132 25.15 -9.53 26.30
CA LEU A 132 25.25 -8.82 27.58
C LEU A 132 26.39 -9.39 28.43
N ASP A 133 26.56 -10.70 28.42
CA ASP A 133 27.66 -11.32 29.17
C ASP A 133 29.01 -10.78 28.71
N LEU A 134 29.15 -10.59 27.39
CA LEU A 134 30.39 -10.06 26.84
C LEU A 134 30.64 -8.64 27.33
N TYR A 135 29.59 -7.81 27.27
CA TYR A 135 29.69 -6.47 27.83
C TYR A 135 30.14 -6.52 29.30
N TYR A 136 29.49 -7.36 30.11
CA TYR A 136 29.74 -7.42 31.54
C TYR A 136 31.15 -7.93 31.88
N LYS A 137 31.80 -8.56 30.91
CA LYS A 137 33.16 -9.05 31.07
C LYS A 137 34.16 -7.89 30.97
N HIS A 138 33.73 -6.78 30.38
CA HIS A 138 34.63 -5.67 30.11
C HIS A 138 34.22 -4.34 30.75
N ARG A 139 32.97 -4.27 31.21
CA ARG A 139 32.46 -3.06 31.86
C ARG A 139 31.83 -3.41 33.20
N PRO A 140 31.64 -2.40 34.07
CA PRO A 140 31.13 -2.66 35.42
C PRO A 140 29.80 -3.42 35.44
N LYS A 141 29.66 -4.37 36.36
CA LYS A 141 28.41 -5.10 36.49
C LYS A 141 27.35 -4.26 37.20
N LYS A 142 26.63 -3.47 36.42
CA LYS A 142 25.55 -2.65 36.95
C LYS A 142 24.22 -3.14 36.39
N PRO A 143 23.14 -3.00 37.18
CA PRO A 143 21.83 -3.53 36.79
C PRO A 143 21.26 -2.89 35.55
N VAL A 144 20.52 -3.68 34.76
CA VAL A 144 19.74 -3.12 33.68
C VAL A 144 18.56 -2.38 34.30
N VAL A 145 18.40 -1.09 33.96
CA VAL A 145 17.28 -0.32 34.53
C VAL A 145 16.25 0.04 33.47
N ALA A 146 16.58 -0.15 32.20
CA ALA A 146 15.63 0.15 31.13
C ALA A 146 15.98 -0.61 29.87
N VAL A 147 14.98 -0.88 29.04
CA VAL A 147 15.21 -1.45 27.71
C VAL A 147 14.43 -0.58 26.74
N ILE A 148 14.99 -0.35 25.56
CA ILE A 148 14.27 0.41 24.54
C ILE A 148 14.18 -0.47 23.30
N TYR A 149 12.99 -0.58 22.72
CA TYR A 149 12.81 -1.19 21.41
C TYR A 149 12.67 -0.06 20.40
N THR A 150 13.61 0.09 19.46
CA THR A 150 13.51 1.25 18.56
C THR A 150 12.42 1.09 17.52
N HIS A 151 12.08 -0.16 17.18
CA HIS A 151 11.03 -0.38 16.19
C HIS A 151 10.44 -1.77 16.23
N SER A 152 9.36 -2.00 15.47
CA SER A 152 8.52 -3.17 15.67
C SER A 152 8.93 -4.42 14.87
N HIS A 153 10.22 -4.56 14.55
CA HIS A 153 10.70 -5.78 13.89
C HIS A 153 11.45 -6.67 14.89
N VAL A 154 11.36 -7.99 14.68
CA VAL A 154 11.78 -8.98 15.69
C VAL A 154 13.25 -8.91 16.09
N ASP A 155 14.11 -8.43 15.21
CA ASP A 155 15.53 -8.30 15.56
C ASP A 155 15.83 -7.13 16.48
N HIS A 156 14.78 -6.45 16.95
CA HIS A 156 14.94 -5.33 17.87
C HIS A 156 14.19 -5.51 19.17
N TYR A 157 13.70 -6.73 19.40
CA TYR A 157 13.08 -7.05 20.69
C TYR A 157 13.14 -8.51 21.09
N GLY A 158 13.36 -9.41 20.13
CA GLY A 158 13.17 -10.84 20.34
C GLY A 158 14.02 -11.48 21.42
N GLY A 159 15.20 -10.92 21.69
CA GLY A 159 16.03 -11.49 22.75
C GLY A 159 15.84 -10.82 24.10
N VAL A 160 14.78 -10.05 24.27
CA VAL A 160 14.62 -9.26 25.51
C VAL A 160 14.69 -10.10 26.81
N ARG A 161 14.16 -11.31 26.81
CA ARG A 161 14.22 -12.13 28.02
C ARG A 161 15.64 -12.57 28.39
N GLY A 162 16.56 -12.41 27.45
CA GLY A 162 17.97 -12.70 27.72
C GLY A 162 18.66 -11.57 28.48
N VAL A 163 18.08 -10.38 28.49
CA VAL A 163 18.69 -9.24 29.18
C VAL A 163 17.92 -8.73 30.40
N VAL A 164 16.63 -9.05 30.48
CA VAL A 164 15.86 -8.67 31.68
C VAL A 164 14.88 -9.76 32.09
N ASP A 165 14.63 -9.85 33.39
CA ASP A 165 13.63 -10.75 33.96
C ASP A 165 12.29 -9.99 33.98
N GLU A 166 11.24 -10.58 33.39
CA GLU A 166 9.94 -9.91 33.38
C GLU A 166 9.43 -9.57 34.79
N ALA A 167 9.84 -10.34 35.79
CA ALA A 167 9.47 -10.03 37.17
C ALA A 167 9.90 -8.62 37.58
N ASP A 168 11.06 -8.17 37.08
CA ASP A 168 11.58 -6.85 37.40
C ASP A 168 10.84 -5.74 36.65
N VAL A 169 10.29 -6.08 35.48
CA VAL A 169 9.46 -5.13 34.76
C VAL A 169 8.14 -4.98 35.53
N LYS A 170 7.56 -6.10 35.95
CA LYS A 170 6.33 -6.04 36.75
C LYS A 170 6.52 -5.34 38.07
N ALA A 171 7.73 -5.46 38.63
CA ALA A 171 8.04 -4.82 39.91
C ALA A 171 8.26 -3.31 39.76
N GLY A 172 8.39 -2.85 38.53
CA GLY A 172 8.62 -1.44 38.28
C GLY A 172 10.09 -1.04 38.28
N LYS A 173 10.96 -2.03 38.43
CA LYS A 173 12.41 -1.80 38.48
C LYS A 173 13.02 -1.53 37.11
N VAL A 174 12.40 -2.09 36.08
CA VAL A 174 12.86 -1.90 34.71
C VAL A 174 11.71 -1.37 33.87
N LYS A 175 11.92 -0.25 33.20
CA LYS A 175 10.94 0.25 32.23
C LYS A 175 11.33 -0.15 30.82
N ILE A 176 10.34 -0.38 29.98
CA ILE A 176 10.59 -0.73 28.59
C ILE A 176 9.91 0.31 27.71
N TYR A 177 10.72 1.04 26.94
CA TYR A 177 10.23 2.13 26.06
C TYR A 177 10.09 1.65 24.62
N ALA A 178 9.05 2.08 23.94
CA ALA A 178 8.82 1.68 22.55
C ALA A 178 8.02 2.76 21.84
N PRO A 179 8.08 2.80 20.50
CA PRO A 179 7.28 3.83 19.80
C PRO A 179 5.81 3.44 19.74
N LEU A 180 4.94 4.45 19.68
CA LEU A 180 3.51 4.23 19.52
C LEU A 180 3.22 3.29 18.35
N GLY A 181 2.43 2.26 18.62
CA GLY A 181 2.08 1.28 17.61
C GLY A 181 2.95 0.05 17.64
N PHE A 182 3.95 0.04 18.54
CA PHE A 182 4.92 -1.06 18.58
C PHE A 182 4.26 -2.42 18.72
N LEU A 183 3.45 -2.58 19.76
CA LEU A 183 2.97 -3.92 20.10
C LEU A 183 2.00 -4.43 19.04
N GLU A 184 1.13 -3.54 18.59
CA GLU A 184 0.15 -3.88 17.57
C GLU A 184 0.84 -4.40 16.31
N HIS A 185 1.86 -3.68 15.88
CA HIS A 185 2.54 -4.04 14.64
C HIS A 185 3.49 -5.21 14.78
N ALA A 186 4.22 -5.27 15.89
CA ALA A 186 5.12 -6.39 16.12
C ALA A 186 4.38 -7.73 16.07
N VAL A 187 3.25 -7.81 16.77
CA VAL A 187 2.51 -9.07 16.84
C VAL A 187 1.82 -9.39 15.51
N ALA A 188 1.22 -8.38 14.90
CA ALA A 188 0.56 -8.58 13.62
C ALA A 188 1.55 -9.06 12.55
N GLU A 189 2.77 -8.55 12.58
CA GLU A 189 3.78 -8.95 11.60
C GLU A 189 4.11 -10.43 11.72
N ASN A 190 4.18 -10.93 12.95
CA ASN A 190 4.53 -12.32 13.18
C ASN A 190 3.41 -13.27 12.76
N VAL A 191 2.19 -12.76 12.72
CA VAL A 191 1.00 -13.62 12.71
C VAL A 191 0.17 -13.67 11.40
N MET A 192 -0.30 -12.53 10.92
CA MET A 192 -1.38 -12.55 9.92
C MET A 192 -1.04 -13.14 8.55
N ALA A 193 0.07 -12.70 7.96
CA ALA A 193 0.56 -13.31 6.72
C ALA A 193 1.81 -14.11 7.04
N GLY A 194 1.84 -14.72 8.21
CA GLY A 194 3.07 -15.27 8.75
C GLY A 194 3.68 -16.40 7.94
N THR A 195 2.85 -17.26 7.35
CA THR A 195 3.40 -18.39 6.60
C THR A 195 4.01 -17.88 5.30
N ALA A 196 3.27 -17.02 4.61
CA ALA A 196 3.78 -16.40 3.39
C ALA A 196 5.10 -15.66 3.65
N MET A 197 5.12 -14.80 4.66
CA MET A 197 6.32 -14.03 4.99
C MET A 197 7.49 -14.92 5.40
N SER A 198 7.24 -15.94 6.21
CA SER A 198 8.32 -16.79 6.72
C SER A 198 8.93 -17.63 5.62
N ARG A 199 8.08 -18.17 4.74
CA ARG A 199 8.59 -18.97 3.63
C ARG A 199 9.38 -18.07 2.66
N ARG A 200 8.87 -16.87 2.38
CA ARG A 200 9.63 -15.95 1.53
C ARG A 200 10.94 -15.52 2.19
N ALA A 201 10.93 -15.40 3.52
CA ALA A 201 12.14 -15.06 4.26
C ALA A 201 13.20 -16.17 4.15
N SER A 202 12.78 -17.41 3.96
CA SER A 202 13.74 -18.50 3.82
C SER A 202 14.61 -18.30 2.57
N TYR A 203 14.03 -17.66 1.56
CA TYR A 203 14.77 -17.25 0.38
C TYR A 203 15.61 -16.03 0.72
N MET A 204 14.98 -15.02 1.33
CA MET A 204 15.61 -13.73 1.51
C MET A 204 16.92 -13.77 2.30
N TYR A 205 16.96 -14.57 3.36
CA TYR A 205 18.11 -14.54 4.25
C TYR A 205 19.12 -15.64 3.95
N GLY A 206 18.84 -16.40 2.89
CA GLY A 206 19.83 -17.32 2.35
C GLY A 206 20.03 -18.53 3.23
N ASN A 207 19.06 -18.78 4.11
CA ASN A 207 19.11 -19.85 5.11
C ASN A 207 19.26 -21.24 4.54
N LEU A 208 18.84 -21.41 3.30
CA LEU A 208 18.83 -22.73 2.67
C LEU A 208 20.11 -22.99 1.86
N LEU A 209 20.96 -21.97 1.75
CA LEU A 209 22.13 -22.03 0.86
C LEU A 209 23.39 -22.38 1.64
N PRO A 210 24.37 -23.00 0.96
CA PRO A 210 25.68 -23.12 1.60
C PRO A 210 26.39 -21.77 1.66
N PRO A 211 27.12 -21.51 2.76
CA PRO A 211 27.94 -20.29 2.78
C PRO A 211 29.26 -20.51 2.05
N ASP A 212 29.30 -20.09 0.80
CA ASP A 212 30.52 -20.15 -0.02
C ASP A 212 30.43 -19.15 -1.18
N ALA A 213 31.47 -19.10 -2.01
CA ALA A 213 31.54 -18.10 -3.08
C ALA A 213 30.44 -18.24 -4.12
N LYS A 214 29.87 -19.44 -4.23
CA LYS A 214 28.75 -19.69 -5.13
C LYS A 214 27.43 -19.87 -4.37
N GLY A 215 27.40 -19.40 -3.13
CA GLY A 215 26.24 -19.55 -2.27
C GLY A 215 25.96 -18.25 -1.52
N GLN A 216 25.51 -18.35 -0.27
CA GLN A 216 25.14 -17.14 0.46
C GLN A 216 26.37 -16.41 1.02
N LEU A 217 26.31 -15.08 1.02
CA LEU A 217 27.42 -14.24 1.49
C LEU A 217 27.03 -13.42 2.72
N GLY A 218 25.75 -13.42 3.06
CA GLY A 218 25.24 -12.54 4.10
C GLY A 218 24.12 -11.67 3.57
N ALA A 219 23.49 -10.89 4.44
CA ALA A 219 22.29 -10.16 4.04
C ALA A 219 22.54 -8.69 3.77
N GLY A 220 23.80 -8.26 3.82
CA GLY A 220 24.18 -6.88 3.53
C GLY A 220 23.97 -5.94 4.70
N LEU A 221 22.83 -6.09 5.35
CA LEU A 221 22.49 -5.29 6.53
C LEU A 221 23.11 -5.93 7.77
N GLY A 222 23.31 -7.23 7.69
CA GLY A 222 23.95 -8.00 8.75
C GLY A 222 24.17 -9.36 8.15
N THR A 223 24.82 -10.25 8.87
CA THR A 223 25.17 -11.54 8.28
C THR A 223 23.95 -12.41 8.08
N THR A 224 23.32 -12.81 9.18
CA THR A 224 22.08 -13.58 9.09
C THR A 224 21.31 -13.50 10.40
N THR A 225 20.17 -14.17 10.43
CA THR A 225 19.31 -14.20 11.61
C THR A 225 19.67 -15.37 12.51
N SER A 226 19.67 -15.15 13.83
CA SER A 226 19.89 -16.24 14.77
C SER A 226 18.66 -17.14 14.79
N ALA A 227 18.82 -18.34 15.32
CA ALA A 227 17.75 -19.34 15.29
C ALA A 227 17.44 -19.86 16.69
N GLY A 228 17.37 -18.95 17.65
CA GLY A 228 17.12 -19.32 19.03
C GLY A 228 15.69 -19.01 19.46
N THR A 229 15.52 -18.71 20.74
CA THR A 229 14.20 -18.56 21.33
C THR A 229 13.76 -17.11 21.22
N VAL A 230 12.70 -16.87 20.45
CA VAL A 230 12.18 -15.51 20.27
C VAL A 230 11.19 -15.17 21.38
N THR A 231 11.42 -14.03 22.05
CA THR A 231 10.65 -13.64 23.25
C THR A 231 10.11 -12.22 23.09
N LEU A 232 9.22 -11.82 24.00
CA LEU A 232 8.65 -10.47 23.95
C LEU A 232 8.04 -10.11 25.29
N ILE A 233 8.48 -8.99 25.85
CA ILE A 233 7.84 -8.40 27.01
C ILE A 233 7.21 -7.09 26.53
N PRO A 234 5.89 -6.93 26.72
CA PRO A 234 5.23 -5.70 26.25
C PRO A 234 5.83 -4.45 26.90
N PRO A 235 5.91 -3.35 26.13
CA PRO A 235 6.50 -2.13 26.69
C PRO A 235 5.65 -1.52 27.80
N THR A 236 6.30 -0.74 28.66
CA THR A 236 5.61 -0.07 29.75
C THR A 236 5.41 1.40 29.46
N ASP A 237 6.21 1.94 28.54
CA ASP A 237 6.22 3.38 28.28
C ASP A 237 6.25 3.64 26.79
N ILE A 238 5.28 4.40 26.31
CA ILE A 238 5.13 4.60 24.87
C ILE A 238 5.50 6.03 24.43
N ILE A 239 6.36 6.13 23.43
CA ILE A 239 6.76 7.42 22.87
C ILE A 239 5.82 7.75 21.73
N LYS A 240 5.16 8.92 21.81
CA LYS A 240 4.09 9.22 20.87
C LYS A 240 4.36 10.36 19.91
N GLU A 241 5.32 11.24 20.23
CA GLU A 241 5.51 12.48 19.48
C GLU A 241 6.96 12.88 19.36
N THR A 242 7.31 13.54 18.25
CA THR A 242 8.67 14.06 18.07
C THR A 242 9.18 15.10 19.13
N GLY A 243 8.33 15.91 19.73
CA GLY A 243 8.89 16.75 20.79
C GLY A 243 9.46 16.03 22.03
N GLU A 244 9.09 14.76 22.17
CA GLU A 244 9.05 14.11 23.48
C GLU A 244 10.43 13.86 24.10
N THR A 245 10.54 14.17 25.38
CA THR A 245 11.80 14.03 26.09
C THR A 245 11.60 13.24 27.37
N HIS A 246 12.50 12.30 27.65
CA HIS A 246 12.49 11.60 28.93
C HIS A 246 13.90 11.50 29.48
N VAL A 247 14.03 11.67 30.80
CA VAL A 247 15.29 11.40 31.47
C VAL A 247 15.30 9.93 31.88
N ILE A 248 16.24 9.18 31.31
CA ILE A 248 16.35 7.76 31.59
C ILE A 248 17.71 7.51 32.23
N ASP A 249 17.69 7.10 33.49
CA ASP A 249 18.91 6.80 34.25
C ASP A 249 19.89 7.97 34.20
N GLY A 250 19.38 9.17 34.39
CA GLY A 250 20.22 10.36 34.49
C GLY A 250 20.74 10.92 33.19
N LEU A 251 20.20 10.45 32.07
CA LEU A 251 20.56 10.98 30.77
C LEU A 251 19.30 11.46 30.07
N THR A 252 19.43 12.51 29.24
CA THR A 252 18.26 13.09 28.60
C THR A 252 18.10 12.61 27.17
N TYR A 253 16.99 11.92 26.91
CA TYR A 253 16.68 11.38 25.59
C TYR A 253 15.62 12.25 24.94
N GLU A 254 15.93 12.77 23.75
CA GLU A 254 14.98 13.50 22.93
C GLU A 254 14.60 12.61 21.76
N PHE A 255 13.29 12.36 21.57
CA PHE A 255 12.84 11.37 20.60
C PHE A 255 12.30 11.99 19.33
N MET A 256 12.43 11.26 18.22
CA MET A 256 11.70 11.59 17.01
C MET A 256 10.82 10.39 16.70
N TYR A 257 9.52 10.62 16.57
CA TYR A 257 8.60 9.55 16.22
C TYR A 257 8.57 9.43 14.69
N ALA A 258 8.91 8.24 14.17
CA ALA A 258 9.10 8.08 12.72
C ALA A 258 8.26 6.96 12.11
N PRO A 259 6.93 7.02 12.28
CA PRO A 259 6.10 5.93 11.74
C PRO A 259 6.12 5.85 10.22
N GLY A 260 6.07 4.62 9.70
CA GLY A 260 5.98 4.42 8.27
C GLY A 260 7.27 4.61 7.51
N SER A 261 8.38 4.67 8.23
CA SER A 261 9.68 4.68 7.59
C SER A 261 10.14 3.23 7.45
N GLU A 262 11.27 2.87 8.04
CA GLU A 262 11.76 1.49 7.90
C GLU A 262 10.78 0.47 8.49
N ALA A 263 10.02 0.90 9.50
CA ALA A 263 9.00 0.06 10.13
C ALA A 263 7.75 0.88 10.36
N PRO A 264 6.59 0.23 10.55
CA PRO A 264 5.38 1.03 10.80
C PRO A 264 5.45 1.78 12.13
N ALA A 265 6.18 1.22 13.09
CA ALA A 265 6.40 1.91 14.37
C ALA A 265 7.90 2.01 14.60
N GLU A 266 8.45 3.22 14.60
CA GLU A 266 9.89 3.39 14.71
C GLU A 266 10.16 4.75 15.33
N MET A 267 11.25 4.84 16.08
CA MET A 267 11.66 6.11 16.66
C MET A 267 13.18 6.22 16.67
N LEU A 268 13.65 7.44 16.52
CA LEU A 268 15.06 7.77 16.62
C LEU A 268 15.18 8.59 17.90
N TYR A 269 16.39 8.71 18.44
CA TYR A 269 16.56 9.58 19.59
C TYR A 269 17.98 10.03 19.81
N TYR A 270 18.09 11.19 20.46
CA TYR A 270 19.35 11.86 20.68
C TYR A 270 19.58 11.89 22.18
N ILE A 271 20.77 11.54 22.63
CA ILE A 271 21.10 11.67 24.05
C ILE A 271 21.90 12.95 24.22
N LYS A 272 21.28 13.93 24.88
CA LYS A 272 21.80 15.28 24.87
C LYS A 272 23.20 15.37 25.45
N GLU A 273 23.40 14.72 26.60
CA GLU A 273 24.68 14.86 27.31
C GLU A 273 25.86 14.24 26.57
N LYS A 274 25.57 13.31 25.67
CA LYS A 274 26.60 12.61 24.91
C LYS A 274 26.69 13.06 23.45
N LYS A 275 25.80 13.97 23.06
CA LYS A 275 25.72 14.47 21.68
C LYS A 275 25.67 13.31 20.69
N ALA A 276 24.88 12.28 21.02
CA ALA A 276 24.90 11.03 20.27
C ALA A 276 23.50 10.73 19.74
N LEU A 277 23.44 10.46 18.45
CA LEU A 277 22.19 10.21 17.76
C LEU A 277 22.06 8.72 17.42
N ASN A 278 20.96 8.11 17.85
CA ASN A 278 20.59 6.75 17.42
C ASN A 278 19.67 6.90 16.21
N ALA A 279 20.13 6.42 15.06
CA ALA A 279 19.35 6.56 13.82
C ALA A 279 18.44 5.37 13.60
N ALA A 280 18.31 4.52 14.63
CA ALA A 280 17.41 3.36 14.60
C ALA A 280 17.77 2.49 13.41
N GLU A 281 16.84 2.26 12.49
CA GLU A 281 17.22 1.59 11.23
C GLU A 281 16.94 2.50 10.04
N ASP A 282 16.79 3.79 10.28
CA ASP A 282 16.44 4.71 9.20
C ASP A 282 17.66 5.32 8.53
N SER A 283 18.83 5.25 9.17
CA SER A 283 20.06 5.58 8.46
C SER A 283 21.10 4.56 8.90
N THR A 284 21.55 3.76 7.94
CA THR A 284 22.57 2.73 8.16
C THR A 284 23.50 2.81 6.96
N HIS A 285 24.42 1.86 6.84
CA HIS A 285 25.37 1.94 5.73
C HIS A 285 24.93 1.11 4.54
N THR A 286 23.64 1.19 4.23
CA THR A 286 23.10 0.61 3.02
C THR A 286 21.88 1.41 2.61
N LEU A 287 21.58 1.41 1.31
CA LEU A 287 20.24 1.75 0.87
C LEU A 287 19.33 0.65 1.42
N HIS A 288 18.26 1.03 2.09
CA HIS A 288 17.42 0.07 2.80
C HIS A 288 16.18 -0.21 1.95
N ASN A 289 15.26 -0.99 2.51
CA ASN A 289 14.02 -1.40 1.86
C ASN A 289 12.91 -0.40 2.11
N THR A 290 12.47 0.33 1.07
CA THR A 290 11.17 0.97 1.16
C THR A 290 10.10 -0.09 0.90
N TYR A 291 10.53 -1.27 0.44
CA TYR A 291 9.67 -2.42 0.31
C TYR A 291 10.54 -3.64 0.49
N SER A 292 10.13 -4.54 1.36
CA SER A 292 10.91 -5.76 1.61
C SER A 292 10.44 -6.94 0.77
N LEU A 293 11.38 -7.60 0.10
CA LEU A 293 11.02 -8.73 -0.78
C LEU A 293 10.45 -9.89 0.00
N ARG A 294 10.69 -9.89 1.30
CA ARG A 294 10.11 -10.88 2.21
C ARG A 294 8.59 -10.85 2.13
N GLY A 295 8.05 -9.68 1.79
CA GLY A 295 6.61 -9.49 1.76
C GLY A 295 6.20 -8.63 2.94
N ALA A 296 5.70 -7.44 2.65
CA ALA A 296 5.32 -6.48 3.68
C ALA A 296 4.58 -5.36 3.01
N LYS A 297 3.90 -4.55 3.82
CA LYS A 297 3.27 -3.33 3.32
C LYS A 297 4.34 -2.36 2.81
N ILE A 298 4.08 -1.72 1.69
CA ILE A 298 5.06 -0.81 1.10
C ILE A 298 5.20 0.47 1.94
N ARG A 299 6.46 0.89 2.16
CA ARG A 299 6.76 2.09 2.95
C ARG A 299 6.88 3.35 2.11
N ASP A 300 6.88 4.48 2.79
CA ASP A 300 6.81 5.81 2.16
C ASP A 300 8.19 6.46 2.16
N PRO A 301 8.86 6.52 1.00
CA PRO A 301 10.22 7.09 1.01
C PRO A 301 10.21 8.58 1.28
N LEU A 302 9.11 9.28 0.99
CA LEU A 302 9.07 10.73 1.26
C LEU A 302 9.06 10.98 2.76
N ALA A 303 8.25 10.23 3.48
CA ALA A 303 8.21 10.32 4.95
C ALA A 303 9.59 10.04 5.52
N TRP A 304 10.21 8.97 5.01
CA TRP A 304 11.54 8.56 5.46
C TRP A 304 12.55 9.70 5.24
N SER A 305 12.53 10.30 4.05
CA SER A 305 13.43 11.41 3.76
C SER A 305 13.18 12.55 4.74
N LYS A 306 11.91 12.85 4.99
CA LYS A 306 11.59 13.97 5.86
C LYS A 306 11.97 13.72 7.31
N TYR A 307 11.94 12.47 7.75
CA TYR A 307 12.42 12.18 9.10
C TYR A 307 13.92 12.47 9.20
N LEU A 308 14.67 12.07 8.19
CA LEU A 308 16.11 12.32 8.19
C LEU A 308 16.41 13.82 8.13
N ASN A 309 15.62 14.55 7.35
CA ASN A 309 15.74 16.00 7.31
C ASN A 309 15.42 16.65 8.65
N GLU A 310 14.44 16.10 9.35
CA GLU A 310 14.05 16.66 10.66
C GLU A 310 15.15 16.38 11.68
N ALA A 311 15.79 15.23 11.55
CA ALA A 311 16.91 14.91 12.46
C ALA A 311 18.05 15.91 12.25
N LEU A 312 18.28 16.29 11.01
CA LEU A 312 19.23 17.37 10.72
C LEU A 312 18.82 18.70 11.36
N LYS A 313 17.54 19.04 11.23
CA LYS A 313 17.06 20.28 11.84
C LYS A 313 17.22 20.26 13.36
N LEU A 314 16.85 19.16 13.99
CA LEU A 314 16.81 19.11 15.46
C LEU A 314 18.20 19.00 16.08
N TRP A 315 19.06 18.19 15.47
CA TRP A 315 20.32 17.81 16.10
C TRP A 315 21.57 18.04 15.24
N GLY A 316 21.37 18.52 14.02
CA GLY A 316 22.45 18.66 13.06
C GLY A 316 23.62 19.54 13.47
N ASP A 317 23.35 20.61 14.22
CA ASP A 317 24.43 21.51 14.59
C ASP A 317 25.23 21.03 15.78
N ASP A 318 24.67 20.08 16.53
CA ASP A 318 25.22 19.65 17.82
C ASP A 318 25.87 18.26 17.77
N VAL A 319 25.31 17.38 16.95
CA VAL A 319 25.67 15.96 16.98
C VAL A 319 27.15 15.67 16.73
N GLN A 320 27.75 14.79 17.53
CA GLN A 320 29.16 14.44 17.39
C GLN A 320 29.39 12.99 16.96
N VAL A 321 28.37 12.16 17.14
CA VAL A 321 28.45 10.75 16.75
C VAL A 321 27.04 10.22 16.47
N MET A 322 26.94 9.40 15.43
CA MET A 322 25.68 8.76 15.11
C MET A 322 25.91 7.26 15.07
N TYR A 323 25.05 6.50 15.71
CA TYR A 323 25.17 5.05 15.67
C TYR A 323 23.81 4.52 15.27
N ALA A 324 23.71 3.24 14.95
CA ALA A 324 22.43 2.70 14.51
C ALA A 324 22.30 1.26 14.95
N MET A 325 21.15 0.66 14.67
CA MET A 325 20.85 -0.66 15.22
C MET A 325 21.32 -1.77 14.30
N HIS A 326 21.90 -1.38 13.17
CA HIS A 326 22.72 -2.25 12.31
C HIS A 326 23.93 -1.45 11.89
N HIS A 327 25.00 -2.16 11.53
CA HIS A 327 26.24 -1.55 11.05
C HIS A 327 26.93 -0.68 12.12
N TRP A 328 27.93 0.09 11.67
CA TRP A 328 28.89 0.76 12.56
C TRP A 328 28.60 2.27 12.62
N PRO A 329 29.19 2.97 13.60
CA PRO A 329 28.87 4.39 13.74
C PRO A 329 29.59 5.29 12.74
N VAL A 330 29.24 6.58 12.78
CA VAL A 330 29.95 7.62 12.03
C VAL A 330 30.29 8.70 13.06
N TRP A 331 31.55 9.15 13.08
CA TRP A 331 31.99 10.15 14.05
C TRP A 331 32.33 11.47 13.38
N GLY A 332 32.04 12.57 14.09
CA GLY A 332 32.39 13.90 13.60
C GLY A 332 31.14 14.62 13.09
N ASN A 333 30.95 15.87 13.49
CA ASN A 333 29.72 16.58 13.13
C ASN A 333 29.56 16.66 11.61
N LYS A 334 30.65 17.01 10.92
CA LYS A 334 30.61 17.10 9.47
C LYS A 334 30.22 15.77 8.83
N GLU A 335 30.85 14.70 9.31
CA GLU A 335 30.61 13.36 8.76
C GLU A 335 29.20 12.85 9.02
N VAL A 336 28.67 13.11 10.21
CA VAL A 336 27.30 12.70 10.53
C VAL A 336 26.31 13.48 9.65
N ARG A 337 26.53 14.78 9.51
CA ARG A 337 25.65 15.58 8.67
C ARG A 337 25.66 15.09 7.23
N GLU A 338 26.82 14.69 6.73
CA GLU A 338 26.91 14.23 5.36
C GLU A 338 26.13 12.94 5.14
N GLN A 339 26.28 11.98 6.04
CA GLN A 339 25.52 10.74 5.90
C GLN A 339 24.01 10.97 5.95
N LEU A 340 23.57 11.77 6.92
CA LEU A 340 22.15 12.08 7.05
C LEU A 340 21.67 12.81 5.80
N SER A 341 22.49 13.73 5.29
CA SER A 341 22.06 14.55 4.16
C SER A 341 21.97 13.73 2.89
N LEU A 342 22.98 12.89 2.63
CA LEU A 342 22.96 12.09 1.42
C LEU A 342 21.84 11.06 1.43
N GLN A 343 21.56 10.47 2.59
CA GLN A 343 20.48 9.50 2.67
C GLN A 343 19.11 10.16 2.60
N ARG A 344 18.96 11.33 3.22
CA ARG A 344 17.78 12.16 3.03
C ARG A 344 17.53 12.38 1.54
N ASP A 345 18.57 12.80 0.83
CA ASP A 345 18.45 13.10 -0.60
C ASP A 345 18.06 11.84 -1.37
N MET A 346 18.69 10.71 -1.01
CA MET A 346 18.44 9.45 -1.71
C MET A 346 16.98 9.03 -1.63
N TYR A 347 16.41 9.05 -0.43
CA TYR A 347 15.01 8.64 -0.28
C TYR A 347 14.07 9.64 -0.95
N ARG A 348 14.41 10.93 -0.92
CA ARG A 348 13.57 11.91 -1.64
C ARG A 348 13.64 11.69 -3.14
N TYR A 349 14.85 11.39 -3.65
CA TYR A 349 15.04 11.14 -5.08
C TYR A 349 14.16 9.98 -5.53
N ILE A 350 14.16 8.90 -4.75
CA ILE A 350 13.29 7.76 -5.07
C ILE A 350 11.83 8.16 -5.14
N ASN A 351 11.38 8.93 -4.16
CA ASN A 351 10.00 9.39 -4.17
C ASN A 351 9.66 10.30 -5.34
N ASP A 352 10.45 11.37 -5.47
CA ASP A 352 10.13 12.44 -6.40
C ASP A 352 10.33 12.04 -7.87
N GLU A 353 11.37 11.27 -8.15
CA GLU A 353 11.62 10.87 -9.53
C GLU A 353 10.60 9.84 -9.97
N THR A 354 10.20 8.97 -9.06
CA THR A 354 9.15 7.99 -9.39
C THR A 354 7.85 8.71 -9.74
N LEU A 355 7.45 9.68 -8.92
CA LEU A 355 6.23 10.46 -9.17
C LEU A 355 6.30 11.24 -10.48
N ARG A 356 7.43 11.90 -10.71
CA ARG A 356 7.57 12.73 -11.90
C ARG A 356 7.47 11.87 -13.17
N LEU A 357 8.13 10.71 -13.16
CA LEU A 357 8.05 9.82 -14.31
C LEU A 357 6.67 9.20 -14.48
N ALA A 358 5.99 8.90 -13.37
CA ALA A 358 4.60 8.40 -13.45
C ALA A 358 3.69 9.45 -14.04
N ASN A 359 3.91 10.71 -13.66
CA ASN A 359 3.14 11.82 -14.22
C ASN A 359 3.41 12.04 -15.70
N LYS A 360 4.56 11.55 -16.18
CA LYS A 360 4.87 11.60 -17.61
C LYS A 360 4.30 10.40 -18.36
N GLY A 361 3.71 9.47 -17.62
CA GLY A 361 3.08 8.31 -18.24
C GLY A 361 3.89 7.05 -18.21
N TYR A 362 5.07 7.08 -17.59
CA TYR A 362 5.82 5.83 -17.46
C TYR A 362 5.18 4.93 -16.42
N THR A 363 5.30 3.61 -16.63
CA THR A 363 4.70 2.64 -15.71
C THR A 363 5.77 1.94 -14.87
N MET A 364 5.34 1.16 -13.87
CA MET A 364 6.19 0.61 -12.81
C MET A 364 7.62 0.17 -13.22
N THR A 365 7.70 -0.79 -14.14
CA THR A 365 8.99 -1.38 -14.49
C THR A 365 9.81 -0.45 -15.38
N GLU A 366 9.11 0.37 -16.17
CA GLU A 366 9.77 1.36 -17.00
C GLU A 366 10.46 2.41 -16.14
N ILE A 367 9.77 2.83 -15.08
CA ILE A 367 10.32 3.84 -14.18
C ILE A 367 11.55 3.27 -13.48
N ALA A 368 11.44 2.03 -13.01
CA ALA A 368 12.56 1.39 -12.30
C ALA A 368 13.77 1.19 -13.21
N GLU A 369 13.52 1.09 -14.50
CA GLU A 369 14.65 0.97 -15.44
C GLU A 369 15.39 2.29 -15.62
N GLN A 370 14.68 3.40 -15.45
CA GLN A 370 15.24 4.72 -15.75
C GLN A 370 15.88 5.43 -14.54
N VAL A 371 15.31 5.24 -13.35
CA VAL A 371 15.75 6.01 -12.19
C VAL A 371 17.15 5.59 -11.76
N LYS A 372 18.06 6.55 -11.69
CA LYS A 372 19.45 6.27 -11.32
C LYS A 372 19.90 7.33 -10.32
N LEU A 373 20.44 6.90 -9.19
CA LEU A 373 20.85 7.89 -8.17
C LEU A 373 22.01 8.74 -8.67
N PRO A 374 21.99 10.03 -8.32
CA PRO A 374 23.04 10.97 -8.73
C PRO A 374 24.39 10.54 -8.17
N LYS A 375 25.46 10.88 -8.88
CA LYS A 375 26.83 10.47 -8.55
C LYS A 375 27.28 10.71 -7.10
N LYS A 376 26.96 11.87 -6.53
CA LYS A 376 27.40 12.18 -5.17
C LYS A 376 26.77 11.25 -4.14
N ILE A 377 25.59 10.71 -4.45
CA ILE A 377 24.95 9.72 -3.57
C ILE A 377 25.46 8.33 -3.91
N ALA A 378 25.44 8.01 -5.20
CA ALA A 378 25.69 6.65 -5.67
C ALA A 378 27.12 6.16 -5.48
N THR A 379 28.07 7.08 -5.39
CA THR A 379 29.47 6.68 -5.26
C THR A 379 29.94 6.53 -3.80
N LYS A 380 29.02 6.63 -2.86
CA LYS A 380 29.35 6.35 -1.46
C LYS A 380 28.88 4.95 -1.14
N PHE A 381 29.76 4.14 -0.57
CA PHE A 381 29.40 2.76 -0.26
C PHE A 381 28.23 2.68 0.71
N SER A 382 28.10 3.66 1.60
CA SER A 382 26.99 3.65 2.57
C SER A 382 25.62 3.76 1.91
N ASN A 383 25.59 4.17 0.64
CA ASN A 383 24.31 4.36 -0.06
C ASN A 383 24.03 3.29 -1.12
N ARG A 384 24.88 2.28 -1.21
CA ARG A 384 24.65 1.22 -2.20
C ARG A 384 23.53 0.28 -1.74
N GLY A 385 22.88 -0.36 -2.70
CA GLY A 385 21.80 -1.28 -2.39
C GLY A 385 22.29 -2.65 -1.96
N TYR A 386 22.72 -2.77 -0.71
CA TYR A 386 23.20 -4.06 -0.18
C TYR A 386 22.07 -4.84 0.47
N TYR A 387 21.01 -4.14 0.84
CA TYR A 387 19.86 -4.77 1.46
C TYR A 387 18.66 -4.43 0.60
N GLY A 388 18.28 -3.16 0.58
CA GLY A 388 17.33 -2.71 -0.42
C GLY A 388 18.02 -2.66 -1.77
N SER A 389 17.23 -2.49 -2.83
CA SER A 389 17.80 -2.21 -4.14
C SER A 389 17.02 -1.05 -4.69
N LEU A 390 17.66 -0.23 -5.51
CA LEU A 390 16.96 0.92 -6.06
C LEU A 390 15.80 0.43 -6.93
N ASN A 391 16.03 -0.62 -7.70
CA ASN A 391 15.01 -1.09 -8.62
C ASN A 391 13.72 -1.51 -7.93
N HIS A 392 13.80 -2.35 -6.88
CA HIS A 392 12.57 -2.81 -6.24
C HIS A 392 11.90 -1.74 -5.38
N ASN A 393 12.71 -0.81 -4.87
CA ASN A 393 12.17 0.35 -4.15
C ASN A 393 11.38 1.31 -5.04
N VAL A 394 11.91 1.55 -6.24
CA VAL A 394 11.24 2.39 -7.21
C VAL A 394 9.94 1.75 -7.69
N LYS A 395 9.96 0.45 -8.01
CA LYS A 395 8.71 -0.24 -8.35
C LYS A 395 7.69 -0.11 -7.24
N ALA A 396 8.12 -0.33 -6.01
CA ALA A 396 7.19 -0.25 -4.87
C ALA A 396 6.61 1.14 -4.73
N THR A 397 7.42 2.14 -5.03
CA THR A 397 6.98 3.52 -4.86
C THR A 397 5.89 3.84 -5.88
N TYR A 398 5.99 3.29 -7.08
CA TYR A 398 4.91 3.44 -8.05
C TYR A 398 3.63 2.84 -7.49
N VAL A 399 3.74 1.65 -6.95
CA VAL A 399 2.58 0.95 -6.39
C VAL A 399 2.00 1.67 -5.17
N LEU A 400 2.86 2.28 -4.38
CA LEU A 400 2.42 3.07 -3.23
C LEU A 400 1.42 4.14 -3.61
N TYR A 401 1.67 4.81 -4.74
CA TYR A 401 0.81 5.91 -5.16
C TYR A 401 -0.29 5.51 -6.12
N LEU A 402 -0.04 4.48 -6.91
CA LEU A 402 -0.93 4.16 -8.03
C LEU A 402 -1.48 2.73 -8.01
N GLY A 403 -0.95 1.90 -7.11
CA GLY A 403 -1.41 0.53 -6.98
C GLY A 403 -0.79 -0.41 -7.98
N TRP A 404 -1.31 -1.63 -8.05
CA TRP A 404 -0.71 -2.69 -8.87
C TRP A 404 -0.94 -2.53 -10.37
N PHE A 405 -2.04 -1.89 -10.76
CA PHE A 405 -2.46 -1.83 -12.16
C PHE A 405 -1.76 -0.69 -12.90
N ILE A 406 -1.14 -1.00 -14.05
CA ILE A 406 -0.33 0.01 -14.74
C ILE A 406 -1.13 0.81 -15.78
N GLY A 407 -2.45 0.62 -15.79
CA GLY A 407 -3.31 1.46 -16.63
C GLY A 407 -3.66 0.88 -17.98
N ASN A 408 -2.75 0.08 -18.55
CA ASN A 408 -3.00 -0.55 -19.84
C ASN A 408 -3.96 -1.73 -19.64
N PRO A 409 -5.18 -1.65 -20.23
CA PRO A 409 -6.18 -2.68 -19.95
C PRO A 409 -5.80 -4.07 -20.44
N ALA A 410 -4.78 -4.19 -21.29
CA ALA A 410 -4.24 -5.50 -21.66
C ALA A 410 -3.77 -6.30 -20.43
N THR A 411 -3.47 -5.59 -19.34
CA THR A 411 -2.92 -6.21 -18.13
C THR A 411 -3.93 -6.26 -16.98
N LEU A 412 -5.16 -5.84 -17.26
CA LEU A 412 -6.18 -5.78 -16.20
C LEU A 412 -6.68 -7.14 -15.74
N TRP A 413 -6.83 -8.08 -16.67
CA TRP A 413 -7.41 -9.38 -16.35
C TRP A 413 -6.57 -10.52 -16.96
N GLU A 414 -5.27 -10.49 -16.71
CA GLU A 414 -4.39 -11.52 -17.26
C GLU A 414 -4.71 -12.91 -16.72
N LEU A 415 -4.42 -13.94 -17.51
CA LEU A 415 -4.48 -15.30 -16.99
C LEU A 415 -3.39 -15.51 -15.94
N PRO A 416 -3.65 -16.37 -14.95
CA PRO A 416 -2.66 -16.71 -13.92
C PRO A 416 -1.42 -17.38 -14.53
N PRO A 417 -0.27 -17.34 -13.81
CA PRO A 417 1.03 -17.84 -14.28
C PRO A 417 1.02 -19.20 -15.01
N ALA A 418 0.42 -20.24 -14.42
CA ALA A 418 0.42 -21.55 -15.07
C ALA A 418 -0.39 -21.56 -16.39
N ASP A 419 -1.48 -20.80 -16.41
CA ASP A 419 -2.33 -20.78 -17.59
C ASP A 419 -1.74 -19.99 -18.75
N LYS A 420 -1.14 -18.84 -18.46
CA LYS A 420 -0.46 -18.06 -19.50
C LYS A 420 0.77 -18.82 -19.98
N ALA A 421 1.45 -19.51 -19.05
CA ALA A 421 2.66 -20.26 -19.38
C ALA A 421 2.41 -21.24 -20.53
N LYS A 422 1.34 -22.01 -20.41
CA LYS A 422 1.00 -23.01 -21.43
C LYS A 422 0.84 -22.37 -22.82
N ARG A 423 0.21 -21.21 -22.85
CA ARG A 423 -0.04 -20.50 -24.10
C ARG A 423 1.22 -19.87 -24.71
N TYR A 424 2.05 -19.27 -23.87
CA TYR A 424 3.34 -18.76 -24.35
C TYR A 424 4.17 -19.87 -24.97
N VAL A 425 4.24 -21.00 -24.29
CA VAL A 425 5.08 -22.11 -24.76
C VAL A 425 4.56 -22.65 -26.09
N GLU A 426 3.24 -22.76 -26.21
CA GLU A 426 2.60 -23.22 -27.44
C GLU A 426 2.94 -22.31 -28.60
N MET A 427 2.85 -20.99 -28.37
CA MET A 427 3.08 -20.02 -29.43
C MET A 427 4.55 -19.84 -29.79
N MET A 428 5.43 -20.30 -28.90
CA MET A 428 6.87 -20.30 -29.18
C MET A 428 7.38 -21.63 -29.73
N GLY A 429 6.47 -22.55 -30.04
CA GLY A 429 6.85 -23.77 -30.73
C GLY A 429 7.10 -24.99 -29.86
N GLY A 430 6.74 -24.89 -28.59
CA GLY A 430 6.89 -26.01 -27.66
C GLY A 430 8.12 -25.85 -26.77
N ALA A 431 8.18 -26.67 -25.73
CA ALA A 431 9.24 -26.55 -24.71
C ALA A 431 10.65 -26.66 -25.29
N ASP A 432 10.90 -27.66 -26.11
CA ASP A 432 12.24 -27.86 -26.69
C ASP A 432 12.68 -26.64 -27.52
N ALA A 433 11.74 -26.08 -28.26
CA ALA A 433 12.04 -24.91 -29.09
C ALA A 433 12.40 -23.72 -28.23
N VAL A 434 11.68 -23.55 -27.12
CA VAL A 434 11.93 -22.42 -26.22
C VAL A 434 13.30 -22.54 -25.59
N LEU A 435 13.64 -23.74 -25.15
CA LEU A 435 14.95 -23.95 -24.52
C LEU A 435 16.09 -23.71 -25.49
N LYS A 436 15.94 -24.19 -26.73
CA LYS A 436 16.96 -23.94 -27.74
C LYS A 436 17.11 -22.44 -28.05
N LYS A 437 15.99 -21.75 -28.21
CA LYS A 437 16.03 -20.29 -28.43
C LYS A 437 16.57 -19.53 -27.22
N ALA A 438 16.17 -19.93 -26.02
CA ALA A 438 16.62 -19.25 -24.81
C ALA A 438 18.12 -19.37 -24.62
N LYS A 439 18.71 -20.48 -25.08
CA LYS A 439 20.13 -20.66 -24.94
C LYS A 439 20.89 -19.58 -25.72
N GLU A 440 20.36 -19.16 -26.87
CA GLU A 440 20.99 -18.11 -27.66
C GLU A 440 21.05 -16.83 -26.87
N TYR A 441 19.96 -16.52 -26.16
CA TYR A 441 19.92 -15.31 -25.35
C TYR A 441 20.86 -15.45 -24.16
N TYR A 442 20.88 -16.63 -23.55
CA TYR A 442 21.75 -16.89 -22.41
C TYR A 442 23.20 -16.63 -22.79
N ASP A 443 23.60 -17.12 -23.96
CA ASP A 443 24.98 -16.99 -24.40
C ASP A 443 25.36 -15.55 -24.73
N LYS A 444 24.36 -14.71 -24.98
CA LYS A 444 24.59 -13.28 -25.16
C LYS A 444 24.51 -12.50 -23.84
N GLY A 445 24.23 -13.21 -22.75
CA GLY A 445 24.23 -12.62 -21.42
C GLY A 445 22.91 -11.98 -21.00
N ASP A 446 21.85 -12.28 -21.74
CA ASP A 446 20.58 -11.64 -21.47
C ASP A 446 19.81 -12.47 -20.44
N PHE A 447 20.32 -12.54 -19.22
CA PHE A 447 19.74 -13.45 -18.23
C PHE A 447 18.38 -13.01 -17.70
N ARG A 448 18.13 -11.70 -17.70
CA ARG A 448 16.83 -11.19 -17.26
C ARG A 448 15.73 -11.72 -18.16
N TRP A 449 16.04 -11.84 -19.44
CA TRP A 449 15.09 -12.39 -20.39
C TRP A 449 14.99 -13.91 -20.24
N VAL A 450 16.11 -14.59 -20.17
CA VAL A 450 16.07 -16.04 -20.07
C VAL A 450 15.24 -16.46 -18.85
N ALA A 451 15.43 -15.76 -17.73
CA ALA A 451 14.71 -16.09 -16.49
C ALA A 451 13.21 -15.87 -16.64
N GLU A 452 12.80 -14.87 -17.41
CA GLU A 452 11.37 -14.69 -17.65
C GLU A 452 10.78 -15.75 -18.57
N VAL A 453 11.44 -16.02 -19.68
CA VAL A 453 10.82 -16.89 -20.70
C VAL A 453 10.89 -18.37 -20.33
N VAL A 454 11.99 -18.81 -19.74
CA VAL A 454 12.10 -20.22 -19.40
C VAL A 454 11.21 -20.51 -18.19
N ASN A 455 10.92 -19.49 -17.39
CA ASN A 455 9.96 -19.65 -16.31
C ASN A 455 8.62 -20.12 -16.84
N HIS A 456 8.23 -19.67 -18.03
CA HIS A 456 6.99 -20.16 -18.66
C HIS A 456 7.06 -21.67 -18.90
N VAL A 457 8.22 -22.16 -19.34
CA VAL A 457 8.34 -23.59 -19.61
C VAL A 457 8.21 -24.37 -18.31
N VAL A 458 8.78 -23.84 -17.24
CA VAL A 458 8.70 -24.51 -15.95
C VAL A 458 7.26 -24.54 -15.42
N PHE A 459 6.56 -23.42 -15.56
CA PHE A 459 5.18 -23.37 -15.06
C PHE A 459 4.22 -24.17 -15.93
N ALA A 460 4.54 -24.29 -17.22
CA ALA A 460 3.73 -25.11 -18.13
C ALA A 460 4.03 -26.60 -17.94
N GLU A 461 5.28 -26.93 -17.63
CA GLU A 461 5.71 -28.31 -17.51
C GLU A 461 6.65 -28.48 -16.32
N PRO A 462 6.08 -28.51 -15.10
CA PRO A 462 6.85 -28.51 -13.85
C PRO A 462 7.79 -29.70 -13.70
N ASN A 463 7.57 -30.76 -14.46
CA ASN A 463 8.41 -31.96 -14.39
C ASN A 463 9.51 -31.99 -15.45
N ASN A 464 9.65 -30.88 -16.17
CA ASN A 464 10.67 -30.77 -17.22
C ASN A 464 11.99 -30.33 -16.58
N GLN A 465 12.82 -31.31 -16.20
CA GLN A 465 14.05 -30.99 -15.47
C GLN A 465 15.05 -30.20 -16.33
N ALA A 466 15.05 -30.43 -17.64
CA ALA A 466 15.91 -29.63 -18.53
C ALA A 466 15.56 -28.15 -18.43
N ALA A 467 14.27 -27.85 -18.42
CA ALA A 467 13.83 -26.47 -18.31
C ALA A 467 14.22 -25.90 -16.95
N LYS A 468 14.06 -26.69 -15.90
CA LYS A 468 14.35 -26.19 -14.56
C LYS A 468 15.85 -25.94 -14.42
N ASN A 469 16.65 -26.78 -15.08
CA ASN A 469 18.10 -26.61 -15.06
C ASN A 469 18.55 -25.33 -15.77
N MET A 470 17.93 -25.02 -16.90
CA MET A 470 18.28 -23.81 -17.62
C MET A 470 17.82 -22.57 -16.85
N GLN A 471 16.62 -22.64 -16.29
CA GLN A 471 16.11 -21.57 -15.44
C GLN A 471 17.03 -21.33 -14.26
N ALA A 472 17.51 -22.42 -13.65
CA ALA A 472 18.44 -22.32 -12.52
C ALA A 472 19.74 -21.63 -12.93
N ASP A 473 20.29 -22.00 -14.09
CA ASP A 473 21.52 -21.37 -14.55
C ASP A 473 21.38 -19.86 -14.75
N ALA A 474 20.24 -19.43 -15.29
CA ALA A 474 20.02 -18.01 -15.53
C ALA A 474 19.85 -17.27 -14.22
N LEU A 475 19.07 -17.84 -13.31
CA LEU A 475 18.86 -17.19 -12.01
C LEU A 475 20.19 -17.06 -11.31
N GLU A 476 21.00 -18.09 -11.44
CA GLU A 476 22.29 -18.12 -10.75
C GLU A 476 23.24 -17.03 -11.24
N GLN A 477 23.27 -16.81 -12.55
CA GLN A 477 24.10 -15.72 -13.09
C GLN A 477 23.63 -14.37 -12.56
N LEU A 478 22.31 -14.19 -12.48
CA LEU A 478 21.77 -12.96 -11.89
C LEU A 478 22.14 -12.85 -10.41
N GLY A 479 22.16 -13.96 -9.69
CA GLY A 479 22.62 -13.99 -8.31
C GLY A 479 24.07 -13.56 -8.19
N TYR A 480 24.92 -14.07 -9.08
CA TYR A 480 26.34 -13.73 -9.05
C TYR A 480 26.56 -12.23 -9.32
N GLN A 481 25.63 -11.62 -10.03
CA GLN A 481 25.71 -10.20 -10.37
C GLN A 481 25.13 -9.28 -9.31
N ALA A 482 24.32 -9.81 -8.41
CA ALA A 482 23.55 -8.97 -7.48
C ALA A 482 24.35 -8.25 -6.42
N GLU A 483 24.13 -6.94 -6.30
CA GLU A 483 24.78 -6.14 -5.26
C GLU A 483 24.01 -6.27 -3.95
N SER A 484 22.71 -6.56 -4.05
CA SER A 484 21.86 -6.74 -2.86
C SER A 484 21.94 -8.18 -2.33
N GLY A 485 22.22 -8.33 -1.02
CA GLY A 485 22.22 -9.66 -0.42
C GLY A 485 20.89 -10.39 -0.61
N PRO A 486 19.77 -9.70 -0.30
CA PRO A 486 18.47 -10.33 -0.52
C PRO A 486 18.24 -10.73 -1.98
N TRP A 487 18.67 -9.90 -2.94
CA TRP A 487 18.57 -10.28 -4.34
C TRP A 487 19.38 -11.53 -4.62
N ARG A 488 20.64 -11.53 -4.18
CA ARG A 488 21.53 -12.67 -4.41
C ARG A 488 20.91 -13.94 -3.84
N ASN A 489 20.41 -13.84 -2.60
CA ASN A 489 19.79 -15.00 -1.96
C ASN A 489 18.51 -15.52 -2.62
N PHE A 490 17.66 -14.61 -3.09
CA PHE A 490 16.45 -15.04 -3.82
C PHE A 490 16.86 -15.78 -5.08
N TYR A 491 17.81 -15.23 -5.82
CA TYR A 491 18.25 -15.85 -7.07
C TYR A 491 18.88 -17.21 -6.85
N LEU A 492 19.80 -17.28 -5.89
CA LEU A 492 20.53 -18.53 -5.67
C LEU A 492 19.70 -19.61 -5.01
N THR A 493 18.76 -19.22 -4.16
CA THR A 493 17.85 -20.21 -3.56
C THR A 493 16.87 -20.76 -4.59
N GLY A 494 16.38 -19.89 -5.48
CA GLY A 494 15.53 -20.33 -6.56
C GLY A 494 16.27 -21.35 -7.40
N ALA A 495 17.53 -21.06 -7.74
CA ALA A 495 18.34 -21.98 -8.53
C ALA A 495 18.48 -23.32 -7.83
N GLN A 496 18.71 -23.27 -6.52
CA GLN A 496 18.90 -24.51 -5.77
C GLN A 496 17.61 -25.34 -5.76
N GLU A 497 16.47 -24.69 -5.54
CA GLU A 497 15.22 -25.45 -5.48
C GLU A 497 14.81 -26.02 -6.84
N LEU A 498 15.14 -25.30 -7.92
CA LEU A 498 14.89 -25.82 -9.27
C LEU A 498 15.72 -27.07 -9.55
N ARG A 499 16.97 -27.05 -9.11
CA ARG A 499 17.87 -28.17 -9.37
C ARG A 499 17.57 -29.38 -8.52
N ASN A 500 17.14 -29.13 -7.29
CA ASN A 500 17.07 -30.20 -6.28
C ASN A 500 15.68 -30.52 -5.75
N GLY A 501 14.72 -29.65 -6.03
CA GLY A 501 13.42 -29.75 -5.40
C GLY A 501 13.46 -29.01 -4.08
N VAL A 502 12.30 -28.83 -3.47
CA VAL A 502 12.21 -28.19 -2.17
C VAL A 502 12.66 -29.17 -1.08
N GLN A 503 13.62 -28.75 -0.26
CA GLN A 503 14.14 -29.60 0.83
C GLN A 503 13.51 -29.21 2.16
N GLN A 504 12.65 -30.06 2.70
CA GLN A 504 11.89 -29.70 3.90
C GLN A 504 12.69 -29.95 5.18
N LEU A 505 12.58 -28.99 6.09
CA LEU A 505 13.27 -29.05 7.38
C LEU A 505 12.28 -28.62 8.46
N PRO A 506 12.54 -28.99 9.73
CA PRO A 506 11.62 -28.61 10.81
C PRO A 506 11.43 -27.10 10.94
N THR A 507 10.17 -26.67 11.09
CA THR A 507 9.81 -25.28 11.37
C THR A 507 8.77 -25.27 12.50
N PRO A 508 8.62 -24.13 13.20
CA PRO A 508 7.62 -23.98 14.28
C PRO A 508 6.17 -24.36 13.92
N ASP A 509 5.50 -24.98 14.90
CA ASP A 509 4.14 -25.49 14.76
C ASP A 509 3.08 -24.43 15.10
N THR A 510 3.45 -23.50 15.98
CA THR A 510 2.60 -22.34 16.30
C THR A 510 3.44 -21.08 16.45
N ALA A 511 2.77 -19.95 16.69
CA ALA A 511 3.44 -18.72 17.10
C ALA A 511 4.02 -18.93 18.49
N SER A 512 5.01 -18.12 18.86
CA SER A 512 5.66 -18.26 20.16
C SER A 512 4.67 -17.93 21.28
N PRO A 513 4.90 -18.48 22.49
CA PRO A 513 4.03 -18.20 23.64
C PRO A 513 3.93 -16.71 23.93
N ASP A 514 5.04 -15.96 23.79
CA ASP A 514 5.01 -14.54 24.12
C ASP A 514 4.23 -13.76 23.06
N THR A 515 4.35 -14.19 21.80
CA THR A 515 3.57 -13.60 20.72
C THR A 515 2.07 -13.79 20.94
N VAL A 516 1.69 -15.02 21.26
CA VAL A 516 0.28 -15.31 21.50
C VAL A 516 -0.26 -14.53 22.68
N LYS A 517 0.52 -14.46 23.77
CA LYS A 517 0.06 -13.74 24.95
C LYS A 517 -0.13 -12.24 24.68
N ALA A 518 0.73 -11.67 23.84
CA ALA A 518 0.66 -10.24 23.53
C ALA A 518 -0.44 -9.87 22.52
N MET A 519 -0.96 -10.87 21.81
CA MET A 519 -2.02 -10.66 20.82
C MET A 519 -3.28 -10.19 21.55
N ASP A 520 -3.92 -9.11 21.08
CA ASP A 520 -5.19 -8.74 21.67
C ASP A 520 -6.29 -9.58 21.03
N LEU A 521 -7.49 -9.57 21.61
CA LEU A 521 -8.53 -10.46 21.10
C LEU A 521 -9.01 -10.07 19.68
N ASP A 522 -8.94 -8.79 19.33
CA ASP A 522 -9.31 -8.37 17.98
C ASP A 522 -8.41 -9.11 16.97
N LEU A 523 -7.10 -9.09 17.20
CA LEU A 523 -6.16 -9.80 16.35
C LEU A 523 -6.36 -11.31 16.44
N PHE A 524 -6.55 -11.84 17.64
CA PHE A 524 -6.76 -13.28 17.84
C PHE A 524 -7.92 -13.75 16.97
N PHE A 525 -9.03 -13.03 17.03
CA PHE A 525 -10.23 -13.41 16.29
C PHE A 525 -10.10 -13.14 14.79
N ASP A 526 -9.34 -12.12 14.39
CA ASP A 526 -9.03 -11.91 12.96
C ASP A 526 -8.14 -13.04 12.42
N PHE A 527 -7.22 -13.52 13.23
CA PHE A 527 -6.38 -14.63 12.81
C PHE A 527 -7.18 -15.92 12.63
N LEU A 528 -8.09 -16.20 13.56
CA LEU A 528 -8.98 -17.35 13.38
C LEU A 528 -9.79 -17.17 12.12
N ALA A 529 -10.29 -15.96 11.88
CA ALA A 529 -11.15 -15.72 10.72
C ALA A 529 -10.39 -15.96 9.42
N MET A 530 -9.13 -15.57 9.40
CA MET A 530 -8.30 -15.80 8.23
C MET A 530 -8.17 -17.28 7.94
N ARG A 531 -8.10 -18.09 9.00
CA ARG A 531 -7.91 -19.53 8.82
C ARG A 531 -9.17 -20.25 8.34
N LEU A 532 -10.32 -19.58 8.44
CA LEU A 532 -11.58 -20.24 8.11
C LEU A 532 -11.64 -20.66 6.65
N LYS A 533 -11.96 -21.94 6.41
CA LYS A 533 -12.10 -22.44 5.05
C LYS A 533 -13.46 -22.05 4.46
N GLY A 534 -13.58 -20.77 4.12
CA GLY A 534 -14.83 -20.18 3.68
C GLY A 534 -15.66 -20.97 2.68
N PRO A 535 -15.04 -21.39 1.56
CA PRO A 535 -15.84 -22.06 0.53
C PRO A 535 -16.46 -23.36 1.03
N ASP A 536 -15.89 -23.95 2.08
CA ASP A 536 -16.40 -25.21 2.59
C ASP A 536 -17.61 -25.05 3.51
N VAL A 537 -17.82 -23.85 4.03
CA VAL A 537 -18.82 -23.63 5.08
C VAL A 537 -19.81 -22.52 4.76
N ALA A 538 -19.92 -22.16 3.49
CA ALA A 538 -20.69 -20.99 3.07
C ALA A 538 -22.16 -21.05 3.47
N ASP A 539 -22.71 -22.26 3.53
CA ASP A 539 -24.12 -22.42 3.86
C ASP A 539 -24.36 -22.70 5.35
N LYS A 540 -23.30 -22.74 6.15
CA LYS A 540 -23.46 -23.04 7.57
C LYS A 540 -23.44 -21.77 8.41
N HIS A 541 -23.97 -21.87 9.62
CA HIS A 541 -24.14 -20.71 10.49
C HIS A 541 -23.89 -21.16 11.93
N ILE A 542 -22.88 -20.57 12.56
CA ILE A 542 -22.58 -20.85 13.95
C ILE A 542 -22.46 -19.52 14.67
N THR A 543 -23.18 -19.36 15.78
CA THR A 543 -23.04 -18.17 16.59
C THR A 543 -22.63 -18.57 18.00
N LEU A 544 -21.54 -17.98 18.50
CA LEU A 544 -21.05 -18.32 19.84
C LEU A 544 -20.94 -17.07 20.68
N ASN A 545 -21.50 -17.11 21.89
CA ASN A 545 -21.28 -16.04 22.85
C ASN A 545 -20.09 -16.40 23.73
N LEU A 546 -19.10 -15.51 23.80
CA LEU A 546 -17.94 -15.74 24.65
C LEU A 546 -17.95 -14.80 25.86
N ASP A 547 -17.59 -15.33 27.03
CA ASP A 547 -17.47 -14.50 28.22
C ASP A 547 -16.09 -14.75 28.81
N PHE A 548 -15.23 -13.73 28.76
CA PHE A 548 -13.88 -13.84 29.34
C PHE A 548 -13.90 -13.30 30.76
N THR A 549 -13.77 -14.20 31.73
CA THR A 549 -13.96 -13.86 33.14
C THR A 549 -12.80 -13.05 33.70
N ASP A 550 -11.60 -13.27 33.17
CA ASP A 550 -10.41 -12.55 33.63
C ASP A 550 -10.43 -11.11 33.13
N LEU A 551 -10.67 -10.93 31.83
CA LEU A 551 -11.05 -9.63 31.33
C LEU A 551 -12.45 -9.52 31.88
N LYS A 552 -13.10 -8.39 31.77
CA LYS A 552 -14.51 -8.46 32.11
C LYS A 552 -15.23 -8.12 30.84
N GLN A 553 -15.05 -9.00 29.84
CA GLN A 553 -15.47 -8.70 28.47
C GLN A 553 -16.20 -9.84 27.79
N LYS A 554 -17.23 -9.49 27.02
CA LYS A 554 -17.99 -10.49 26.27
C LYS A 554 -17.87 -10.21 24.77
N TYR A 555 -17.92 -11.30 24.00
CA TYR A 555 -17.85 -11.20 22.55
C TYR A 555 -18.91 -12.09 21.95
N THR A 556 -19.33 -11.76 20.73
CA THR A 556 -20.08 -12.70 19.92
C THR A 556 -19.24 -13.06 18.71
N LEU A 557 -19.09 -14.34 18.43
CA LEU A 557 -18.44 -14.78 17.19
C LEU A 557 -19.56 -15.30 16.30
N GLU A 558 -19.54 -14.91 15.04
CA GLU A 558 -20.56 -15.38 14.12
C GLU A 558 -19.92 -15.87 12.84
N MET A 559 -20.04 -17.16 12.58
CA MET A 559 -19.61 -17.73 11.31
C MET A 559 -20.81 -17.73 10.39
N VAL A 560 -20.74 -16.97 9.31
CA VAL A 560 -21.88 -16.82 8.42
C VAL A 560 -21.35 -16.40 7.05
N ASN A 561 -21.98 -16.92 5.99
CA ASN A 561 -21.55 -16.65 4.61
C ASN A 561 -20.06 -16.87 4.37
N GLY A 562 -19.49 -17.85 5.05
CA GLY A 562 -18.10 -18.20 4.81
C GLY A 562 -17.09 -17.25 5.43
N VAL A 563 -17.53 -16.44 6.39
CA VAL A 563 -16.61 -15.62 7.14
C VAL A 563 -16.87 -15.73 8.63
N LEU A 564 -15.89 -15.30 9.42
CA LEU A 564 -16.02 -15.28 10.88
C LEU A 564 -15.98 -13.84 11.38
N ASN A 565 -17.12 -13.32 11.77
CA ASN A 565 -17.18 -11.97 12.34
C ASN A 565 -17.04 -12.04 13.86
N HIS A 566 -16.55 -10.97 14.47
CA HIS A 566 -16.55 -10.88 15.94
C HIS A 566 -17.00 -9.49 16.38
N THR A 567 -17.68 -9.43 17.51
CA THR A 567 -18.18 -8.16 18.04
C THR A 567 -17.96 -8.14 19.54
N GLU A 568 -17.26 -7.11 20.03
CA GLU A 568 -17.05 -6.94 21.47
C GLU A 568 -18.25 -6.27 22.12
N GLY A 569 -18.57 -6.68 23.35
CA GLY A 569 -19.62 -6.03 24.12
C GLY A 569 -21.03 -6.33 23.67
N MET A 570 -21.22 -7.54 23.14
CA MET A 570 -22.52 -7.99 22.62
C MET A 570 -22.67 -9.45 22.98
N GLN A 571 -23.91 -9.88 23.20
CA GLN A 571 -24.26 -11.30 23.29
C GLN A 571 -25.47 -11.52 22.41
N ALA A 572 -25.42 -12.54 21.55
CA ALA A 572 -26.53 -12.83 20.63
C ALA A 572 -27.64 -13.63 21.35
N LYS A 573 -28.88 -13.49 20.89
CA LYS A 573 -30.01 -14.09 21.61
C LYS A 573 -30.13 -15.62 21.56
N ASN A 574 -30.18 -16.20 20.37
CA ASN A 574 -30.28 -17.66 20.26
C ASN A 574 -28.99 -18.27 19.74
N ALA A 575 -27.90 -18.00 20.48
CA ALA A 575 -26.59 -18.48 20.08
C ALA A 575 -26.57 -20.00 20.18
N ASP A 576 -25.70 -20.62 19.41
CA ASP A 576 -25.56 -22.07 19.48
C ASP A 576 -25.00 -22.47 20.85
N ALA A 577 -24.12 -21.64 21.39
CA ALA A 577 -23.46 -21.96 22.66
C ALA A 577 -22.95 -20.69 23.32
N THR A 578 -22.84 -20.74 24.65
CA THR A 578 -22.20 -19.70 25.43
C THR A 578 -20.98 -20.31 26.11
N VAL A 579 -19.83 -19.68 25.90
CA VAL A 579 -18.55 -20.26 26.30
C VAL A 579 -17.91 -19.32 27.29
N THR A 580 -17.58 -19.84 28.46
CA THR A 580 -16.99 -19.01 29.50
C THR A 580 -15.58 -19.51 29.79
N LEU A 581 -14.61 -18.60 29.77
CA LEU A 581 -13.21 -19.01 29.89
C LEU A 581 -12.31 -17.83 30.21
N THR A 582 -11.03 -18.11 30.44
CA THR A 582 -10.05 -17.04 30.60
C THR A 582 -9.19 -16.96 29.37
N ARG A 583 -8.50 -15.83 29.23
CA ARG A 583 -7.55 -15.66 28.16
C ARG A 583 -6.41 -16.68 28.23
N GLU A 584 -5.96 -17.02 29.43
CA GLU A 584 -4.90 -18.02 29.57
C GLU A 584 -5.33 -19.37 28.99
N THR A 585 -6.58 -19.74 29.26
CA THR A 585 -7.11 -21.02 28.77
C THR A 585 -7.16 -21.01 27.25
N LEU A 586 -7.64 -19.92 26.68
CA LEU A 586 -7.70 -19.77 25.23
C LEU A 586 -6.32 -19.83 24.59
N ASN A 587 -5.35 -19.15 25.18
CA ASN A 587 -3.98 -19.15 24.66
C ASN A 587 -3.36 -20.53 24.61
N ASN A 588 -3.55 -21.31 25.68
CA ASN A 588 -3.01 -22.66 25.71
C ASN A 588 -3.55 -23.58 24.62
N VAL A 589 -4.81 -23.39 24.24
CA VAL A 589 -5.36 -24.16 23.13
C VAL A 589 -4.70 -23.77 21.81
N MET A 590 -4.57 -22.48 21.54
CA MET A 590 -3.89 -22.01 20.33
C MET A 590 -2.43 -22.48 20.27
N LEU A 591 -1.76 -22.51 21.43
CA LEU A 591 -0.35 -22.86 21.50
C LEU A 591 -0.15 -24.38 21.47
N LYS A 592 -1.24 -25.12 21.43
CA LYS A 592 -1.21 -26.59 21.51
C LYS A 592 -0.54 -27.14 22.77
N GLN A 593 -0.71 -26.42 23.89
CA GLN A 593 -0.25 -26.89 25.19
C GLN A 593 -1.39 -27.65 25.85
N THR A 594 -2.61 -27.35 25.41
CA THR A 594 -3.79 -28.09 25.83
C THR A 594 -4.63 -28.37 24.60
N THR A 595 -5.61 -29.24 24.79
CA THR A 595 -6.52 -29.62 23.73
C THR A 595 -7.88 -28.96 24.05
N LEU A 596 -8.63 -28.54 23.03
CA LEU A 596 -9.97 -27.98 23.27
C LEU A 596 -10.86 -28.97 24.03
N LYS A 597 -10.91 -30.22 23.57
CA LYS A 597 -11.69 -31.24 24.25
C LYS A 597 -11.33 -31.43 25.71
N ASP A 598 -10.04 -31.42 26.02
CA ASP A 598 -9.59 -31.58 27.40
C ASP A 598 -9.90 -30.34 28.25
N ALA A 599 -9.74 -29.16 27.65
CA ALA A 599 -10.06 -27.91 28.34
C ALA A 599 -11.54 -27.87 28.71
N GLU A 600 -12.38 -28.41 27.83
CA GLU A 600 -13.80 -28.54 28.12
C GLU A 600 -14.07 -29.58 29.21
N SER A 601 -13.42 -30.73 29.10
CA SER A 601 -13.63 -31.79 30.09
C SER A 601 -13.17 -31.40 31.49
N SER A 602 -12.12 -30.60 31.56
CA SER A 602 -11.53 -30.22 32.85
C SER A 602 -12.31 -29.09 33.52
N GLY A 603 -13.16 -28.43 32.76
CA GLY A 603 -13.95 -27.32 33.28
C GLY A 603 -13.30 -25.97 33.07
N ASP A 604 -12.15 -25.94 32.40
CA ASP A 604 -11.49 -24.67 32.11
C ASP A 604 -12.27 -23.89 31.08
N ILE A 605 -12.93 -24.60 30.19
CA ILE A 605 -13.87 -23.98 29.24
C ILE A 605 -15.26 -24.49 29.57
N LYS A 606 -16.10 -23.61 30.13
CA LYS A 606 -17.46 -23.96 30.52
C LYS A 606 -18.41 -23.60 29.40
N ILE A 607 -19.21 -24.56 28.95
CA ILE A 607 -20.11 -24.31 27.82
C ILE A 607 -21.57 -24.62 28.15
N GLU A 608 -22.45 -23.67 27.82
CA GLU A 608 -23.88 -23.91 27.87
C GLU A 608 -24.40 -24.00 26.44
N GLY A 609 -25.34 -24.90 26.18
CA GLY A 609 -25.91 -25.03 24.86
C GLY A 609 -25.39 -26.21 24.07
N ASP A 610 -24.98 -25.95 22.83
CA ASP A 610 -24.48 -27.01 21.96
C ASP A 610 -22.97 -27.07 22.13
N LYS A 611 -22.53 -27.94 23.02
CA LYS A 611 -21.15 -27.95 23.47
C LYS A 611 -20.16 -28.35 22.40
N GLY A 612 -20.66 -28.86 21.27
CA GLY A 612 -19.80 -29.30 20.19
C GLY A 612 -19.63 -28.30 19.05
N LYS A 613 -20.37 -27.19 19.09
CA LYS A 613 -20.29 -26.19 18.02
C LYS A 613 -18.94 -25.47 18.00
N LEU A 614 -18.30 -25.32 19.17
CA LEU A 614 -16.98 -24.71 19.21
C LEU A 614 -15.97 -25.65 18.56
N GLU A 615 -16.07 -26.93 18.89
CA GLU A 615 -15.26 -27.95 18.21
C GLU A 615 -15.52 -27.95 16.71
N GLU A 616 -16.77 -27.75 16.33
CA GLU A 616 -17.13 -27.73 14.91
C GLU A 616 -16.49 -26.55 14.20
N LEU A 617 -16.55 -25.38 14.82
CA LEU A 617 -15.91 -24.20 14.24
C LEU A 617 -14.42 -24.44 14.05
N MET A 618 -13.76 -24.99 15.07
CA MET A 618 -12.33 -25.25 14.95
C MET A 618 -11.99 -26.26 13.85
N SER A 619 -12.91 -27.19 13.56
CA SER A 619 -12.65 -28.20 12.52
C SER A 619 -12.58 -27.58 11.13
N TYR A 620 -13.08 -26.35 11.00
CA TYR A 620 -13.16 -25.68 9.69
C TYR A 620 -11.98 -24.77 9.47
N MET A 621 -11.03 -24.78 10.40
CA MET A 621 -9.86 -23.91 10.32
C MET A 621 -8.76 -24.59 9.52
N ASP A 622 -8.12 -23.84 8.64
CA ASP A 622 -7.07 -24.40 7.79
C ASP A 622 -5.75 -24.50 8.55
N ASN A 623 -4.83 -25.30 8.03
CA ASN A 623 -3.45 -25.35 8.53
C ASN A 623 -2.52 -25.14 7.35
N PHE A 624 -1.37 -24.53 7.59
CA PHE A 624 -0.53 -24.14 6.46
C PHE A 624 0.81 -24.87 6.41
N ASP A 625 1.09 -25.47 5.26
CA ASP A 625 2.38 -26.08 5.05
C ASP A 625 3.40 -24.99 4.70
N PHE A 626 4.45 -24.91 5.51
CA PHE A 626 5.48 -23.90 5.36
C PHE A 626 6.14 -23.98 3.99
N TRP A 627 6.41 -25.19 3.53
CA TRP A 627 7.31 -25.32 2.39
C TRP A 627 6.63 -25.27 1.02
N PHE A 628 5.82 -24.24 0.81
CA PHE A 628 5.10 -24.13 -0.46
C PHE A 628 6.02 -23.80 -1.65
N ASN A 629 5.64 -24.25 -2.83
CA ASN A 629 6.43 -24.00 -4.04
C ASN A 629 6.47 -22.52 -4.40
N ILE A 630 7.65 -22.06 -4.80
CA ILE A 630 7.84 -20.69 -5.24
C ILE A 630 8.28 -20.65 -6.71
N VAL A 631 9.28 -21.47 -7.06
CA VAL A 631 9.82 -21.45 -8.42
C VAL A 631 9.22 -22.50 -9.36
N THR A 632 8.28 -23.30 -8.85
CA THR A 632 7.44 -24.17 -9.66
C THR A 632 6.00 -23.96 -9.19
N PRO A 633 5.00 -24.35 -10.01
CA PRO A 633 3.62 -24.13 -9.54
C PRO A 633 3.32 -24.81 -8.19
N ALA B 1 -10.11 3.77 -40.61
CA ALA B 1 -10.04 3.43 -39.19
C ALA B 1 -11.18 2.49 -38.77
N GLU B 2 -10.84 1.41 -38.09
CA GLU B 2 -11.84 0.41 -37.72
C GLU B 2 -12.76 0.89 -36.60
N THR B 3 -13.94 0.28 -36.51
CA THR B 3 -14.97 0.71 -35.57
C THR B 3 -15.42 -0.47 -34.73
N ALA B 4 -16.39 -0.24 -33.86
CA ALA B 4 -16.86 -1.26 -32.93
C ALA B 4 -17.48 -2.45 -33.66
N LYS B 5 -17.16 -3.66 -33.19
CA LYS B 5 -17.65 -4.89 -33.80
C LYS B 5 -18.86 -5.42 -33.04
N PRO B 6 -19.65 -6.32 -33.66
CA PRO B 6 -20.74 -6.98 -32.94
C PRO B 6 -20.18 -7.82 -31.80
N ALA B 7 -21.03 -8.21 -30.85
CA ALA B 7 -20.62 -9.18 -29.83
C ALA B 7 -20.38 -10.54 -30.49
N THR B 8 -19.29 -11.20 -30.11
CA THR B 8 -19.01 -12.56 -30.59
C THR B 8 -19.92 -13.55 -29.89
N ASP B 9 -19.96 -14.77 -30.40
CA ASP B 9 -20.76 -15.81 -29.74
C ASP B 9 -20.25 -16.09 -28.32
N ALA B 10 -18.93 -16.01 -28.14
CA ALA B 10 -18.34 -16.24 -26.83
C ALA B 10 -18.81 -15.19 -25.83
N THR B 11 -18.87 -13.94 -26.30
CA THR B 11 -19.33 -12.84 -25.47
C THR B 11 -20.81 -13.02 -25.10
N LYS B 12 -21.63 -13.39 -26.07
CA LYS B 12 -23.04 -13.60 -25.82
C LYS B 12 -23.28 -14.71 -24.81
N ALA B 13 -22.53 -15.79 -24.94
CA ALA B 13 -22.67 -16.93 -24.02
C ALA B 13 -22.30 -16.54 -22.60
N ALA B 14 -21.21 -15.77 -22.45
CA ALA B 14 -20.74 -15.33 -21.14
C ALA B 14 -21.80 -14.45 -20.47
N ASN B 15 -22.34 -13.49 -21.23
CA ASN B 15 -23.37 -12.63 -20.70
C ASN B 15 -24.67 -13.39 -20.44
N ASP B 16 -25.06 -14.28 -21.34
CA ASP B 16 -26.28 -15.07 -21.16
C ASP B 16 -26.23 -15.93 -19.91
N ALA B 17 -25.05 -16.44 -19.59
CA ALA B 17 -24.87 -17.28 -18.42
C ALA B 17 -25.25 -16.53 -17.15
N LEU B 18 -25.03 -15.22 -17.17
CA LEU B 18 -25.34 -14.36 -16.04
C LEU B 18 -26.85 -14.29 -15.77
N LEU B 19 -27.65 -14.53 -16.81
CA LEU B 19 -29.11 -14.51 -16.66
C LEU B 19 -29.62 -15.67 -15.79
N LYS B 20 -28.88 -16.78 -15.78
CA LYS B 20 -29.28 -17.92 -14.97
C LYS B 20 -28.79 -17.77 -13.54
N GLU B 21 -27.64 -17.12 -13.39
CA GLU B 21 -27.00 -16.99 -12.09
C GLU B 21 -27.66 -15.91 -11.22
N LEU B 22 -28.16 -14.85 -11.85
CA LEU B 22 -28.73 -13.71 -11.13
C LEU B 22 -30.24 -13.65 -11.31
N PRO B 23 -30.96 -13.17 -10.28
CA PRO B 23 -32.43 -13.14 -10.30
C PRO B 23 -33.00 -11.90 -10.99
N PHE B 24 -32.89 -11.84 -12.32
CA PHE B 24 -33.37 -10.69 -13.08
C PHE B 24 -34.88 -10.49 -13.01
N ASP B 25 -35.62 -11.54 -12.63
CA ASP B 25 -37.06 -11.40 -12.43
C ASP B 25 -37.40 -10.54 -11.20
N ASP B 26 -36.46 -10.44 -10.27
CA ASP B 26 -36.63 -9.58 -9.09
C ASP B 26 -36.37 -8.12 -9.42
N LYS B 27 -37.40 -7.30 -9.29
CA LYS B 27 -37.33 -5.89 -9.68
C LYS B 27 -37.28 -4.94 -8.48
N THR B 28 -36.93 -5.48 -7.31
CA THR B 28 -36.89 -4.72 -6.05
C THR B 28 -36.04 -3.42 -6.12
N SER B 29 -34.90 -3.50 -6.79
CA SER B 29 -34.05 -2.33 -6.95
C SER B 29 -34.82 -1.17 -7.56
N PHE B 30 -35.69 -1.47 -8.53
CA PHE B 30 -36.41 -0.40 -9.23
C PHE B 30 -37.48 0.24 -8.35
N ASP B 31 -38.19 -0.58 -7.56
CA ASP B 31 -39.14 -0.06 -6.58
C ASP B 31 -38.46 0.88 -5.58
N LEU B 32 -37.30 0.49 -5.09
CA LEU B 32 -36.57 1.30 -4.12
C LEU B 32 -36.06 2.59 -4.76
N ALA B 33 -35.55 2.47 -5.99
CA ALA B 33 -34.99 3.64 -6.69
C ALA B 33 -36.06 4.67 -7.06
N HIS B 34 -37.31 4.24 -7.20
CA HIS B 34 -38.40 5.16 -7.56
C HIS B 34 -39.14 5.68 -6.32
N LYS B 35 -38.94 5.02 -5.17
CA LYS B 35 -39.74 5.33 -3.99
C LYS B 35 -39.49 6.77 -3.52
N GLY B 36 -40.57 7.46 -3.16
CA GLY B 36 -40.46 8.82 -2.65
C GLY B 36 -40.20 9.91 -3.70
N PHE B 37 -40.30 9.56 -4.98
CA PHE B 37 -40.07 10.53 -6.04
C PHE B 37 -40.97 11.76 -5.88
N ILE B 38 -40.34 12.93 -5.96
CA ILE B 38 -41.06 14.21 -5.83
C ILE B 38 -41.11 14.96 -7.16
N ALA B 39 -39.95 15.11 -7.80
CA ALA B 39 -39.85 15.94 -9.00
C ALA B 39 -38.61 15.58 -9.81
N PRO B 40 -38.67 15.77 -11.13
CA PRO B 40 -37.51 15.45 -11.96
C PRO B 40 -36.51 16.60 -11.96
N LEU B 41 -35.30 16.34 -12.43
CA LEU B 41 -34.33 17.40 -12.67
C LEU B 41 -34.76 18.21 -13.89
N PRO B 42 -34.37 19.49 -13.92
CA PRO B 42 -34.55 20.34 -15.10
C PRO B 42 -33.91 19.69 -16.33
N ALA B 43 -34.60 19.74 -17.46
CA ALA B 43 -34.09 19.12 -18.69
C ALA B 43 -32.92 19.89 -19.31
N GLU B 44 -32.89 21.20 -19.09
CA GLU B 44 -31.86 22.05 -19.68
C GLU B 44 -30.48 21.73 -19.10
N PRO B 45 -29.49 21.47 -19.96
CA PRO B 45 -28.14 21.17 -19.45
C PRO B 45 -27.56 22.38 -18.72
N ILE B 46 -26.72 22.14 -17.71
CA ILE B 46 -26.09 23.24 -16.99
C ILE B 46 -24.79 23.63 -17.67
N LYS B 47 -24.66 24.92 -18.00
CA LYS B 47 -23.48 25.46 -18.65
C LYS B 47 -22.76 26.46 -17.75
N GLY B 48 -21.44 26.51 -17.85
CA GLY B 48 -20.64 27.46 -17.09
C GLY B 48 -20.74 28.86 -17.67
N GLU B 49 -20.17 29.82 -16.97
CA GLU B 49 -20.14 31.21 -17.44
C GLU B 49 -19.41 31.30 -18.79
N LYS B 50 -18.44 30.41 -18.98
CA LYS B 50 -17.62 30.44 -20.19
C LYS B 50 -18.17 29.58 -21.32
N GLY B 51 -19.36 29.03 -21.11
CA GLY B 51 -20.05 28.28 -22.14
C GLY B 51 -19.71 26.80 -22.12
N ASN B 52 -18.98 26.37 -21.10
CA ASN B 52 -18.59 24.97 -21.00
C ASN B 52 -19.70 24.07 -20.46
N MET B 53 -19.74 22.82 -20.91
CA MET B 53 -20.76 21.89 -20.44
C MET B 53 -20.43 21.41 -19.04
N ILE B 54 -21.32 21.67 -18.09
CA ILE B 54 -21.09 21.24 -16.72
C ILE B 54 -21.88 19.97 -16.41
N TRP B 55 -23.14 19.94 -16.84
CA TRP B 55 -23.95 18.75 -16.63
C TRP B 55 -25.05 18.60 -17.67
N ASP B 56 -25.04 17.47 -18.37
CA ASP B 56 -26.06 17.16 -19.37
C ASP B 56 -26.92 16.03 -18.82
N PRO B 57 -28.14 16.37 -18.40
CA PRO B 57 -29.00 15.38 -17.76
C PRO B 57 -29.57 14.32 -18.72
N SER B 58 -29.35 14.49 -20.02
CA SER B 58 -29.82 13.51 -20.99
C SER B 58 -28.69 12.72 -21.62
N LYS B 59 -27.51 12.78 -21.01
CA LYS B 59 -26.30 12.16 -21.57
C LYS B 59 -26.48 10.69 -21.92
N TYR B 60 -27.13 9.95 -21.01
CA TYR B 60 -27.35 8.52 -21.19
C TYR B 60 -28.82 8.23 -21.43
N GLY B 61 -29.48 9.12 -22.15
CA GLY B 61 -30.89 8.99 -22.45
C GLY B 61 -31.25 7.72 -23.22
N PHE B 62 -30.27 7.17 -23.93
CA PHE B 62 -30.50 5.95 -24.70
C PHE B 62 -30.73 4.74 -23.81
N ILE B 63 -30.36 4.87 -22.54
CA ILE B 63 -30.59 3.79 -21.57
C ILE B 63 -31.95 3.95 -20.90
N LYS B 64 -32.90 3.11 -21.29
CA LYS B 64 -34.27 3.24 -20.81
C LYS B 64 -34.76 2.03 -20.04
N GLU B 65 -35.44 2.29 -18.94
CA GLU B 65 -36.01 1.23 -18.12
C GLU B 65 -37.04 0.47 -18.95
N GLY B 66 -37.01 -0.86 -18.88
CA GLY B 66 -37.93 -1.67 -19.66
C GLY B 66 -37.37 -2.16 -20.99
N GLU B 67 -36.35 -1.46 -21.48
CA GLU B 67 -35.60 -1.88 -22.66
C GLU B 67 -34.65 -3.01 -22.32
N ALA B 68 -34.60 -4.04 -23.17
CA ALA B 68 -33.68 -5.16 -22.98
C ALA B 68 -32.22 -4.73 -23.13
N ALA B 69 -31.31 -5.48 -22.52
CA ALA B 69 -29.88 -5.21 -22.67
C ALA B 69 -29.44 -5.49 -24.09
N PRO B 70 -28.76 -4.53 -24.73
CA PRO B 70 -28.15 -4.80 -26.03
C PRO B 70 -27.13 -5.91 -25.86
N ASP B 71 -26.90 -6.73 -26.89
CA ASP B 71 -26.00 -7.86 -26.71
C ASP B 71 -24.53 -7.46 -26.61
N THR B 72 -24.26 -6.17 -26.74
CA THR B 72 -22.92 -5.63 -26.52
C THR B 72 -22.76 -5.07 -25.12
N THR B 73 -23.71 -5.37 -24.24
CA THR B 73 -23.62 -4.96 -22.83
C THR B 73 -23.83 -6.14 -21.88
N ASN B 74 -23.06 -6.16 -20.81
CA ASN B 74 -23.31 -7.06 -19.69
C ASN B 74 -24.70 -6.74 -19.15
N PRO B 75 -25.57 -7.76 -19.06
CA PRO B 75 -26.97 -7.49 -18.70
C PRO B 75 -27.16 -6.99 -17.26
N SER B 76 -26.23 -7.37 -16.38
CA SER B 76 -26.26 -6.88 -15.01
C SER B 76 -25.86 -5.42 -14.96
N LEU B 77 -24.80 -5.06 -15.69
CA LEU B 77 -24.39 -3.66 -15.77
C LEU B 77 -25.46 -2.80 -16.46
N TRP B 78 -26.12 -3.36 -17.48
CA TRP B 78 -27.23 -2.65 -18.13
C TRP B 78 -28.34 -2.34 -17.13
N ARG B 79 -28.71 -3.35 -16.33
CA ARG B 79 -29.68 -3.15 -15.26
C ARG B 79 -29.26 -2.03 -14.32
N GLN B 80 -28.01 -2.06 -13.87
CA GLN B 80 -27.52 -1.01 -12.98
C GLN B 80 -27.53 0.36 -13.66
N SER B 81 -27.19 0.40 -14.94
CA SER B 81 -27.15 1.67 -15.65
C SER B 81 -28.56 2.26 -15.76
N GLN B 82 -29.57 1.40 -15.94
CA GLN B 82 -30.95 1.87 -15.88
C GLN B 82 -31.24 2.48 -14.51
N LEU B 83 -30.80 1.81 -13.46
CA LEU B 83 -31.10 2.25 -12.10
C LEU B 83 -30.47 3.58 -11.74
N ILE B 84 -29.19 3.76 -12.08
CA ILE B 84 -28.50 4.97 -11.68
C ILE B 84 -28.95 6.20 -12.47
N ASN B 85 -29.71 5.98 -13.54
CA ASN B 85 -30.25 7.09 -14.31
C ASN B 85 -31.61 7.55 -13.82
N ILE B 86 -32.15 6.85 -12.82
CA ILE B 86 -33.39 7.31 -12.19
C ILE B 86 -33.02 8.55 -11.36
N SER B 87 -33.57 9.69 -11.75
CA SER B 87 -33.05 10.97 -11.28
C SER B 87 -34.12 11.85 -10.66
N GLY B 88 -33.68 12.85 -9.89
CA GLY B 88 -34.58 13.87 -9.40
C GLY B 88 -34.51 14.12 -7.91
N LEU B 89 -35.55 14.76 -7.39
CA LEU B 89 -35.70 15.03 -5.96
C LEU B 89 -36.56 13.93 -5.37
N PHE B 90 -36.09 13.33 -4.27
CA PHE B 90 -36.78 12.22 -3.60
C PHE B 90 -36.92 12.49 -2.11
N GLU B 91 -38.01 12.01 -1.52
CA GLU B 91 -38.09 11.95 -0.05
C GLU B 91 -37.53 10.60 0.39
N VAL B 92 -36.62 10.62 1.38
CA VAL B 92 -36.10 9.39 1.97
C VAL B 92 -37.01 8.96 3.12
N THR B 93 -37.28 9.91 4.02
CA THR B 93 -38.18 9.71 5.13
C THR B 93 -38.61 11.09 5.57
N ASP B 94 -39.49 11.18 6.56
CA ASP B 94 -39.97 12.48 7.03
C ASP B 94 -38.80 13.43 7.33
N GLY B 95 -38.73 14.53 6.58
CA GLY B 95 -37.71 15.53 6.81
C GLY B 95 -36.35 15.26 6.20
N ILE B 96 -36.21 14.16 5.46
CA ILE B 96 -34.94 13.89 4.75
C ILE B 96 -35.15 13.71 3.25
N TYR B 97 -34.45 14.52 2.47
CA TYR B 97 -34.61 14.56 1.01
C TYR B 97 -33.27 14.36 0.35
N GLN B 98 -33.27 13.82 -0.86
CA GLN B 98 -32.05 13.71 -1.65
C GLN B 98 -32.29 14.14 -3.08
N VAL B 99 -31.30 14.76 -3.68
CA VAL B 99 -31.33 14.97 -5.11
C VAL B 99 -30.36 13.95 -5.71
N ARG B 100 -30.86 13.06 -6.55
CA ARG B 100 -30.05 11.97 -7.09
C ARG B 100 -29.77 12.17 -8.58
N ASN B 101 -28.57 11.81 -8.99
CA ASN B 101 -28.12 11.99 -10.38
C ASN B 101 -28.12 13.41 -10.94
N TYR B 102 -27.87 14.41 -10.11
CA TYR B 102 -27.43 15.72 -10.62
C TYR B 102 -25.90 15.77 -10.59
N ASP B 103 -25.28 14.70 -10.11
CA ASP B 103 -23.82 14.56 -10.17
C ASP B 103 -23.50 13.10 -9.94
N LEU B 104 -22.21 12.77 -9.81
CA LEU B 104 -21.83 11.39 -9.51
C LEU B 104 -22.45 10.98 -8.19
N SER B 105 -22.51 11.94 -7.28
CA SER B 105 -22.97 11.70 -5.91
C SER B 105 -24.37 12.29 -5.74
N ASN B 106 -25.02 11.92 -4.63
CA ASN B 106 -26.28 12.51 -4.21
C ASN B 106 -26.00 13.74 -3.36
N MET B 107 -26.92 14.70 -3.35
CA MET B 107 -26.91 15.71 -2.29
C MET B 107 -28.06 15.42 -1.34
N THR B 108 -27.82 15.56 -0.03
CA THR B 108 -28.86 15.26 0.95
C THR B 108 -29.27 16.51 1.72
N ILE B 109 -30.55 16.65 2.00
CA ILE B 109 -31.06 17.80 2.73
C ILE B 109 -31.91 17.32 3.90
N VAL B 110 -31.56 17.74 5.11
CA VAL B 110 -32.31 17.32 6.28
C VAL B 110 -33.01 18.52 6.93
N GLU B 111 -34.32 18.42 7.09
CA GLU B 111 -35.11 19.49 7.68
C GLU B 111 -35.10 19.40 9.20
N GLY B 112 -34.66 20.46 9.86
CA GLY B 112 -34.58 20.46 11.32
C GLY B 112 -35.49 21.50 11.95
N LYS B 113 -35.07 22.02 13.10
CA LYS B 113 -35.85 22.98 13.87
C LYS B 113 -36.06 24.31 13.14
N ASP B 114 -34.96 24.92 12.71
CA ASP B 114 -35.01 26.28 12.16
C ASP B 114 -34.69 26.35 10.67
N GLY B 115 -34.04 25.32 10.15
CA GLY B 115 -33.60 25.37 8.77
C GLY B 115 -33.30 24.02 8.18
N ILE B 116 -32.33 24.00 7.26
CA ILE B 116 -31.94 22.74 6.64
C ILE B 116 -30.45 22.52 6.77
N THR B 117 -30.07 21.26 6.84
CA THR B 117 -28.66 20.89 6.87
C THR B 117 -28.37 20.13 5.58
N ILE B 118 -27.27 20.47 4.90
CA ILE B 118 -26.91 19.85 3.62
C ILE B 118 -25.76 18.87 3.82
N PHE B 119 -25.90 17.67 3.27
CA PHE B 119 -24.79 16.71 3.28
C PHE B 119 -24.20 16.61 1.87
N ASP B 120 -22.87 16.65 1.78
CA ASP B 120 -22.15 16.30 0.55
C ASP B 120 -22.61 17.02 -0.70
N PRO B 121 -22.27 18.31 -0.80
CA PRO B 121 -22.84 19.13 -1.88
C PRO B 121 -22.15 18.96 -3.25
N LEU B 122 -22.02 17.71 -3.72
CA LEU B 122 -21.66 17.39 -5.11
C LEU B 122 -20.26 17.84 -5.51
N ILE B 123 -19.95 17.76 -6.79
CA ILE B 123 -18.60 18.08 -7.27
C ILE B 123 -18.47 19.56 -7.61
N SER B 124 -19.50 20.11 -8.25
CA SER B 124 -19.44 21.46 -8.79
C SER B 124 -20.38 22.41 -8.07
N GLN B 125 -19.95 23.66 -7.93
CA GLN B 125 -20.80 24.70 -7.35
C GLN B 125 -22.12 24.77 -8.10
N GLU B 126 -22.05 24.65 -9.42
CA GLU B 126 -23.21 24.82 -10.28
C GLU B 126 -24.26 23.71 -10.17
N THR B 127 -23.82 22.47 -9.96
CA THR B 127 -24.79 21.40 -9.79
C THR B 127 -25.39 21.46 -8.40
N ALA B 128 -24.58 21.84 -7.42
CA ALA B 128 -25.08 21.92 -6.04
C ALA B 128 -26.13 23.01 -5.94
N LYS B 129 -25.90 24.11 -6.64
CA LYS B 129 -26.84 25.22 -6.64
C LYS B 129 -28.16 24.79 -7.29
N ALA B 130 -28.04 24.07 -8.40
CA ALA B 130 -29.22 23.59 -9.12
C ALA B 130 -30.00 22.55 -8.31
N ALA B 131 -29.28 21.68 -7.61
CA ALA B 131 -29.92 20.70 -6.75
C ALA B 131 -30.65 21.40 -5.60
N LEU B 132 -30.03 22.41 -5.00
CA LEU B 132 -30.68 23.11 -3.90
C LEU B 132 -31.88 23.92 -4.38
N ASP B 133 -31.75 24.52 -5.57
CA ASP B 133 -32.89 25.26 -6.14
C ASP B 133 -34.07 24.31 -6.41
N LEU B 134 -33.77 23.07 -6.81
CA LEU B 134 -34.84 22.09 -7.02
C LEU B 134 -35.53 21.77 -5.71
N TYR B 135 -34.74 21.57 -4.66
CA TYR B 135 -35.31 21.30 -3.34
C TYR B 135 -36.23 22.45 -2.92
N TYR B 136 -35.74 23.68 -3.07
CA TYR B 136 -36.51 24.87 -2.68
C TYR B 136 -37.75 25.11 -3.53
N LYS B 137 -37.80 24.50 -4.72
CA LYS B 137 -38.99 24.63 -5.56
C LYS B 137 -40.17 23.85 -4.97
N HIS B 138 -39.87 22.85 -4.16
CA HIS B 138 -40.90 21.95 -3.65
C HIS B 138 -41.05 21.94 -2.13
N ARG B 139 -40.01 22.36 -1.43
CA ARG B 139 -39.99 22.31 0.04
C ARG B 139 -39.86 23.75 0.57
N PRO B 140 -40.15 23.96 1.86
CA PRO B 140 -40.18 25.36 2.31
C PRO B 140 -38.81 26.04 2.24
N LYS B 141 -38.80 27.34 1.94
CA LYS B 141 -37.55 28.05 1.74
C LYS B 141 -36.98 28.53 3.08
N LYS B 142 -36.38 27.59 3.80
CA LYS B 142 -35.76 27.87 5.09
C LYS B 142 -34.26 27.89 4.90
N PRO B 143 -33.54 28.65 5.74
CA PRO B 143 -32.10 28.81 5.49
C PRO B 143 -31.27 27.56 5.78
N VAL B 144 -30.12 27.50 5.13
CA VAL B 144 -29.12 26.48 5.42
C VAL B 144 -28.46 26.85 6.74
N VAL B 145 -28.48 25.95 7.72
CA VAL B 145 -27.85 26.25 9.01
C VAL B 145 -26.57 25.44 9.23
N ALA B 146 -26.36 24.41 8.42
CA ALA B 146 -25.19 23.55 8.60
C ALA B 146 -24.91 22.75 7.35
N VAL B 147 -23.63 22.41 7.15
CA VAL B 147 -23.21 21.54 6.05
C VAL B 147 -22.35 20.44 6.63
N ILE B 148 -22.52 19.21 6.15
CA ILE B 148 -21.64 18.12 6.56
C ILE B 148 -20.93 17.53 5.35
N TYR B 149 -19.62 17.34 5.45
CA TYR B 149 -18.88 16.58 4.43
C TYR B 149 -18.66 15.17 5.01
N THR B 150 -19.21 14.13 4.41
CA THR B 150 -19.08 12.79 5.01
C THR B 150 -17.69 12.22 4.84
N HIS B 151 -17.00 12.61 3.77
CA HIS B 151 -15.64 12.10 3.56
C HIS B 151 -14.82 12.95 2.59
N SER B 152 -13.53 12.63 2.47
CA SER B 152 -12.56 13.51 1.81
C SER B 152 -12.39 13.35 0.29
N HIS B 153 -13.44 12.99 -0.42
CA HIS B 153 -13.37 12.97 -1.88
C HIS B 153 -14.19 14.12 -2.46
N VAL B 154 -13.79 14.60 -3.65
CA VAL B 154 -14.30 15.85 -4.19
C VAL B 154 -15.81 15.89 -4.42
N ASP B 155 -16.42 14.73 -4.65
CA ASP B 155 -17.85 14.70 -4.93
C ASP B 155 -18.70 14.84 -3.68
N HIS B 156 -18.05 15.09 -2.55
CA HIS B 156 -18.76 15.29 -1.28
C HIS B 156 -18.44 16.61 -0.61
N TYR B 157 -17.79 17.51 -1.33
CA TYR B 157 -17.59 18.86 -0.81
C TYR B 157 -17.48 19.93 -1.91
N GLY B 158 -17.20 19.50 -3.14
CA GLY B 158 -16.82 20.40 -4.22
C GLY B 158 -17.80 21.53 -4.54
N GLY B 159 -19.09 21.26 -4.36
CA GLY B 159 -20.09 22.27 -4.67
C GLY B 159 -20.52 23.12 -3.49
N VAL B 160 -19.75 23.11 -2.40
CA VAL B 160 -20.19 23.76 -1.16
C VAL B 160 -20.58 25.23 -1.31
N ARG B 161 -19.84 26.00 -2.11
CA ARG B 161 -20.19 27.42 -2.28
C ARG B 161 -21.49 27.62 -3.04
N GLY B 162 -22.04 26.55 -3.60
CA GLY B 162 -23.33 26.63 -4.27
C GLY B 162 -24.48 26.53 -3.29
N VAL B 163 -24.20 26.11 -2.06
CA VAL B 163 -25.26 25.98 -1.05
C VAL B 163 -25.10 26.88 0.17
N VAL B 164 -23.93 27.47 0.34
CA VAL B 164 -23.70 28.36 1.49
C VAL B 164 -22.71 29.46 1.15
N ASP B 165 -22.89 30.63 1.75
CA ASP B 165 -21.94 31.73 1.59
C ASP B 165 -20.96 31.72 2.74
N GLU B 166 -19.66 31.76 2.43
CA GLU B 166 -18.63 31.67 3.45
C GLU B 166 -18.70 32.80 4.49
N ALA B 167 -19.21 33.96 4.09
CA ALA B 167 -19.41 35.05 5.04
C ALA B 167 -20.22 34.61 6.26
N ASP B 168 -21.22 33.76 6.03
CA ASP B 168 -22.06 33.21 7.11
C ASP B 168 -21.34 32.16 7.95
N VAL B 169 -20.40 31.44 7.35
CA VAL B 169 -19.57 30.49 8.08
C VAL B 169 -18.64 31.26 9.02
N LYS B 170 -18.01 32.30 8.49
CA LYS B 170 -17.12 33.15 9.27
C LYS B 170 -17.81 33.83 10.43
N ALA B 171 -19.07 34.21 10.23
CA ALA B 171 -19.82 34.91 11.25
C ALA B 171 -20.43 33.98 12.30
N GLY B 172 -20.29 32.67 12.08
CA GLY B 172 -20.74 31.67 13.03
C GLY B 172 -22.18 31.22 12.86
N LYS B 173 -22.82 31.68 11.79
CA LYS B 173 -24.23 31.35 11.53
C LYS B 173 -24.40 29.98 10.88
N VAL B 174 -23.34 29.49 10.25
CA VAL B 174 -23.35 28.17 9.60
C VAL B 174 -22.13 27.40 10.01
N LYS B 175 -22.31 26.20 10.57
CA LYS B 175 -21.19 25.34 10.90
C LYS B 175 -20.99 24.28 9.83
N ILE B 176 -19.74 23.89 9.61
CA ILE B 176 -19.43 22.85 8.63
C ILE B 176 -18.74 21.69 9.33
N TYR B 177 -19.37 20.52 9.30
CA TYR B 177 -18.87 19.34 10.03
C TYR B 177 -18.13 18.40 9.08
N ALA B 178 -17.06 17.80 9.56
CA ALA B 178 -16.24 16.88 8.75
C ALA B 178 -15.50 15.92 9.67
N PRO B 179 -15.13 14.75 9.14
CA PRO B 179 -14.35 13.79 9.94
C PRO B 179 -12.89 14.23 10.08
N LEU B 180 -12.27 13.86 11.21
CA LEU B 180 -10.86 14.15 11.45
C LEU B 180 -10.03 13.67 10.29
N GLY B 181 -9.19 14.56 9.75
CA GLY B 181 -8.33 14.21 8.63
C GLY B 181 -8.88 14.72 7.31
N PHE B 182 -10.10 15.25 7.33
CA PHE B 182 -10.75 15.68 6.10
C PHE B 182 -9.90 16.63 5.27
N LEU B 183 -9.48 17.72 5.88
CA LEU B 183 -8.85 18.80 5.12
C LEU B 183 -7.52 18.38 4.52
N GLU B 184 -6.68 17.74 5.32
CA GLU B 184 -5.37 17.29 4.83
C GLU B 184 -5.52 16.31 3.67
N HIS B 185 -6.45 15.37 3.78
CA HIS B 185 -6.62 14.38 2.71
C HIS B 185 -7.35 14.92 1.49
N ALA B 186 -8.37 15.75 1.70
CA ALA B 186 -9.09 16.32 0.57
C ALA B 186 -8.14 17.14 -0.29
N VAL B 187 -7.30 17.93 0.36
CA VAL B 187 -6.46 18.87 -0.37
C VAL B 187 -5.32 18.15 -1.10
N ALA B 188 -4.85 17.06 -0.52
CA ALA B 188 -3.67 16.37 -1.04
C ALA B 188 -4.03 15.39 -2.15
N GLU B 189 -5.29 15.01 -2.21
CA GLU B 189 -5.76 14.07 -3.23
C GLU B 189 -5.59 14.71 -4.61
N ASN B 190 -5.03 13.93 -5.54
CA ASN B 190 -4.74 14.39 -6.91
C ASN B 190 -3.64 15.45 -7.02
N VAL B 191 -2.81 15.61 -5.98
CA VAL B 191 -1.69 16.54 -6.10
C VAL B 191 -0.44 15.86 -6.64
N MET B 192 0.12 14.94 -5.85
CA MET B 192 1.44 14.39 -6.16
C MET B 192 1.45 13.57 -7.46
N ALA B 193 0.43 12.73 -7.66
CA ALA B 193 0.36 11.88 -8.85
C ALA B 193 -0.80 12.33 -9.73
N GLY B 194 -1.09 13.63 -9.72
CA GLY B 194 -2.30 14.14 -10.32
C GLY B 194 -2.45 13.92 -11.82
N THR B 195 -1.36 14.02 -12.56
CA THR B 195 -1.46 13.84 -14.01
C THR B 195 -1.71 12.38 -14.34
N ALA B 196 -0.94 11.48 -13.74
CA ALA B 196 -1.20 10.05 -13.91
C ALA B 196 -2.64 9.68 -13.55
N MET B 197 -3.09 10.14 -12.38
CA MET B 197 -4.43 9.82 -11.93
C MET B 197 -5.51 10.39 -12.83
N SER B 198 -5.35 11.63 -13.28
CA SER B 198 -6.41 12.22 -14.10
C SER B 198 -6.48 11.61 -15.50
N ARG B 199 -5.31 11.28 -16.07
CA ARG B 199 -5.30 10.63 -17.38
C ARG B 199 -5.91 9.24 -17.28
N ARG B 200 -5.56 8.52 -16.21
CA ARG B 200 -6.19 7.22 -15.99
C ARG B 200 -7.68 7.36 -15.73
N ALA B 201 -8.09 8.44 -15.07
CA ALA B 201 -9.51 8.68 -14.83
C ALA B 201 -10.28 8.94 -16.14
N SER B 202 -9.59 9.44 -17.16
CA SER B 202 -10.25 9.67 -18.45
C SER B 202 -10.69 8.35 -19.07
N TYR B 203 -9.93 7.29 -18.78
CA TYR B 203 -10.36 5.93 -19.15
C TYR B 203 -11.46 5.46 -18.21
N MET B 204 -11.22 5.58 -16.91
CA MET B 204 -12.13 5.04 -15.89
C MET B 204 -13.59 5.48 -16.05
N TYR B 205 -13.78 6.77 -16.28
CA TYR B 205 -15.12 7.32 -16.30
C TYR B 205 -15.70 7.39 -17.71
N GLY B 206 -14.95 6.92 -18.69
CA GLY B 206 -15.46 6.77 -20.04
C GLY B 206 -15.68 8.08 -20.76
N ASN B 207 -15.01 9.12 -20.28
CA ASN B 207 -15.17 10.48 -20.79
C ASN B 207 -14.89 10.62 -22.29
N LEU B 208 -14.08 9.72 -22.84
CA LEU B 208 -13.63 9.84 -24.22
C LEU B 208 -14.52 9.03 -25.15
N LEU B 209 -15.44 8.26 -24.58
CA LEU B 209 -16.31 7.37 -25.34
C LEU B 209 -17.65 8.00 -25.67
N PRO B 210 -18.25 7.58 -26.79
CA PRO B 210 -19.63 7.97 -27.07
C PRO B 210 -20.56 7.23 -26.12
N PRO B 211 -21.61 7.89 -25.63
CA PRO B 211 -22.61 7.16 -24.85
C PRO B 211 -23.56 6.41 -25.78
N ASP B 212 -23.35 5.10 -25.92
CA ASP B 212 -24.22 4.24 -26.71
C ASP B 212 -23.95 2.77 -26.37
N ALA B 213 -24.64 1.85 -27.03
CA ALA B 213 -24.57 0.44 -26.66
C ALA B 213 -23.19 -0.18 -26.88
N LYS B 214 -22.37 0.46 -27.71
CA LYS B 214 -20.98 0.01 -27.92
C LYS B 214 -19.99 1.00 -27.33
N GLY B 215 -20.46 1.84 -26.42
CA GLY B 215 -19.62 2.84 -25.78
C GLY B 215 -19.86 2.86 -24.29
N GLN B 216 -19.81 4.04 -23.68
CA GLN B 216 -19.91 4.13 -22.22
C GLN B 216 -21.37 4.06 -21.76
N LEU B 217 -21.59 3.44 -20.61
CA LEU B 217 -22.93 3.28 -20.05
C LEU B 217 -23.09 4.00 -18.71
N GLY B 218 -22.00 4.50 -18.16
CA GLY B 218 -22.03 5.05 -16.81
C GLY B 218 -21.00 4.35 -15.93
N ALA B 219 -20.77 4.88 -14.74
CA ALA B 219 -19.71 4.38 -13.87
C ALA B 219 -20.20 3.38 -12.82
N GLY B 220 -21.46 2.97 -12.88
CA GLY B 220 -21.95 1.99 -11.92
C GLY B 220 -22.34 2.58 -10.57
N LEU B 221 -21.44 3.39 -10.00
CA LEU B 221 -21.70 4.07 -8.74
C LEU B 221 -22.58 5.30 -8.96
N GLY B 222 -22.41 5.91 -10.13
CA GLY B 222 -23.22 7.05 -10.55
C GLY B 222 -22.98 7.15 -12.04
N THR B 223 -23.63 8.09 -12.70
CA THR B 223 -23.54 8.15 -14.16
C THR B 223 -22.17 8.70 -14.59
N THR B 224 -21.88 9.93 -14.20
CA THR B 224 -20.57 10.52 -14.48
C THR B 224 -20.31 11.72 -13.57
N THR B 225 -19.18 12.37 -13.75
CA THR B 225 -18.80 13.51 -12.91
C THR B 225 -19.16 14.82 -13.60
N SER B 226 -19.64 15.80 -12.84
CA SER B 226 -19.88 17.13 -13.41
C SER B 226 -18.54 17.80 -13.69
N ALA B 227 -18.58 18.90 -14.43
CA ALA B 227 -17.35 19.56 -14.89
C ALA B 227 -17.42 21.06 -14.67
N GLY B 228 -17.87 21.47 -13.49
CA GLY B 228 -17.97 22.88 -13.17
C GLY B 228 -16.90 23.29 -12.17
N THR B 229 -17.25 24.26 -11.32
CA THR B 229 -16.30 24.90 -10.42
C THR B 229 -16.16 24.14 -9.11
N VAL B 230 -14.97 23.63 -8.82
CA VAL B 230 -14.75 22.92 -7.55
C VAL B 230 -14.40 23.92 -6.46
N THR B 231 -15.14 23.89 -5.35
CA THR B 231 -14.95 24.87 -4.28
C THR B 231 -14.67 24.15 -2.98
N LEU B 232 -14.26 24.89 -1.96
CA LEU B 232 -14.00 24.26 -0.67
C LEU B 232 -13.99 25.30 0.43
N ILE B 233 -14.82 25.10 1.44
CA ILE B 233 -14.76 25.88 2.66
C ILE B 233 -14.31 24.96 3.76
N PRO B 234 -13.17 25.29 4.41
CA PRO B 234 -12.65 24.43 5.48
C PRO B 234 -13.66 24.23 6.60
N PRO B 235 -13.74 23.00 7.15
CA PRO B 235 -14.73 22.72 8.19
C PRO B 235 -14.47 23.48 9.49
N THR B 236 -15.54 23.72 10.26
CA THR B 236 -15.44 24.42 11.53
C THR B 236 -15.52 23.45 12.70
N ASP B 237 -16.17 22.31 12.48
CA ASP B 237 -16.33 21.31 13.52
C ASP B 237 -15.87 19.92 13.07
N ILE B 238 -14.95 19.34 13.83
CA ILE B 238 -14.30 18.10 13.45
C ILE B 238 -14.80 16.93 14.32
N ILE B 239 -15.26 15.87 13.67
CA ILE B 239 -15.70 14.65 14.36
C ILE B 239 -14.49 13.74 14.52
N LYS B 240 -14.18 13.35 15.75
CA LYS B 240 -12.90 12.68 16.02
C LYS B 240 -12.99 11.23 16.52
N GLU B 241 -14.17 10.79 16.98
CA GLU B 241 -14.29 9.43 17.51
C GLU B 241 -15.72 8.91 17.48
N THR B 242 -15.90 7.60 17.30
CA THR B 242 -17.27 7.10 17.24
C THR B 242 -17.88 7.19 18.62
N GLY B 243 -19.18 7.45 18.64
CA GLY B 243 -19.90 7.65 19.88
C GLY B 243 -20.20 9.12 20.10
N GLU B 244 -19.44 9.98 19.42
CA GLU B 244 -19.66 11.44 19.46
C GLU B 244 -21.10 11.78 19.08
N THR B 245 -21.74 12.62 19.89
CA THR B 245 -23.11 13.03 19.64
C THR B 245 -23.19 14.55 19.57
N HIS B 246 -23.90 15.08 18.57
CA HIS B 246 -24.09 16.52 18.45
C HIS B 246 -25.52 16.82 18.07
N VAL B 247 -26.11 17.85 18.67
CA VAL B 247 -27.41 18.32 18.21
C VAL B 247 -27.16 19.35 17.11
N ILE B 248 -27.70 19.09 15.93
CA ILE B 248 -27.58 19.99 14.79
C ILE B 248 -28.97 20.37 14.31
N ASP B 249 -29.31 21.66 14.41
CA ASP B 249 -30.64 22.16 14.07
C ASP B 249 -31.75 21.38 14.75
N GLY B 250 -31.56 21.06 16.03
CA GLY B 250 -32.60 20.41 16.81
C GLY B 250 -32.69 18.90 16.68
N LEU B 251 -31.88 18.31 15.82
CA LEU B 251 -31.85 16.86 15.65
C LEU B 251 -30.57 16.28 16.25
N THR B 252 -30.68 15.07 16.79
CA THR B 252 -29.53 14.44 17.46
C THR B 252 -28.79 13.47 16.55
N TYR B 253 -27.52 13.79 16.27
CA TYR B 253 -26.69 12.99 15.39
C TYR B 253 -25.68 12.21 16.20
N GLU B 254 -25.65 10.89 16.04
CA GLU B 254 -24.60 10.09 16.65
C GLU B 254 -23.63 9.61 15.55
N PHE B 255 -22.34 9.82 15.76
CA PHE B 255 -21.35 9.57 14.71
C PHE B 255 -20.54 8.29 14.87
N MET B 256 -20.14 7.71 13.75
CA MET B 256 -19.09 6.68 13.72
C MET B 256 -17.94 7.20 12.89
N TYR B 257 -16.76 7.31 13.50
CA TYR B 257 -15.56 7.75 12.80
C TYR B 257 -14.96 6.55 12.09
N ALA B 258 -14.83 6.65 10.77
CA ALA B 258 -14.43 5.48 9.97
C ALA B 258 -13.25 5.73 9.05
N PRO B 259 -12.10 6.11 9.62
CA PRO B 259 -10.96 6.37 8.73
C PRO B 259 -10.44 5.12 8.03
N GLY B 260 -9.94 5.29 6.81
CA GLY B 260 -9.33 4.18 6.08
C GLY B 260 -10.32 3.18 5.49
N SER B 261 -11.52 3.65 5.15
CA SER B 261 -12.56 2.81 4.55
C SER B 261 -13.24 3.59 3.44
N GLU B 262 -13.07 3.15 2.20
CA GLU B 262 -13.51 3.92 1.03
C GLU B 262 -12.77 5.27 0.90
N ALA B 263 -12.56 5.97 2.02
CA ALA B 263 -11.75 7.19 2.01
C ALA B 263 -10.88 7.25 3.26
N PRO B 264 -9.75 7.98 3.19
CA PRO B 264 -8.87 8.13 4.36
C PRO B 264 -9.58 8.78 5.54
N ALA B 265 -10.41 9.79 5.28
CA ALA B 265 -11.24 10.41 6.32
C ALA B 265 -12.70 10.23 5.94
N GLU B 266 -13.47 9.55 6.79
CA GLU B 266 -14.87 9.23 6.47
C GLU B 266 -15.62 9.02 7.77
N MET B 267 -16.91 9.31 7.76
CA MET B 267 -17.75 9.06 8.92
C MET B 267 -19.16 8.74 8.50
N LEU B 268 -19.82 7.93 9.32
CA LEU B 268 -21.23 7.59 9.14
C LEU B 268 -21.96 8.20 10.33
N TYR B 269 -23.26 8.41 10.21
CA TYR B 269 -24.01 8.90 11.34
C TYR B 269 -25.48 8.55 11.31
N TYR B 270 -26.05 8.52 12.52
CA TYR B 270 -27.44 8.15 12.74
C TYR B 270 -28.16 9.35 13.31
N ILE B 271 -29.33 9.66 12.76
CA ILE B 271 -30.17 10.69 13.33
C ILE B 271 -31.25 9.99 14.17
N LYS B 272 -31.14 10.12 15.49
CA LYS B 272 -31.96 9.34 16.40
C LYS B 272 -33.47 9.56 16.25
N GLU B 273 -33.89 10.81 16.04
CA GLU B 273 -35.32 11.10 15.95
C GLU B 273 -35.96 10.48 14.71
N LYS B 274 -35.15 10.20 13.71
CA LYS B 274 -35.66 9.74 12.42
C LYS B 274 -35.32 8.28 12.16
N LYS B 275 -34.64 7.69 13.14
CA LYS B 275 -34.12 6.32 13.05
C LYS B 275 -33.49 6.05 11.69
N ALA B 276 -32.66 6.99 11.24
CA ALA B 276 -32.15 6.99 9.87
C ALA B 276 -30.64 6.98 9.86
N LEU B 277 -30.06 6.03 9.14
CA LEU B 277 -28.62 5.86 9.09
C LEU B 277 -28.05 6.35 7.77
N ASN B 278 -27.02 7.20 7.84
CA ASN B 278 -26.28 7.64 6.66
C ASN B 278 -25.06 6.74 6.54
N ALA B 279 -25.03 5.91 5.49
CA ALA B 279 -23.94 4.95 5.32
C ALA B 279 -22.77 5.57 4.57
N ALA B 280 -22.80 6.89 4.37
CA ALA B 280 -21.73 7.62 3.68
C ALA B 280 -21.49 6.98 2.32
N GLU B 281 -20.26 6.52 2.07
CA GLU B 281 -20.00 5.72 0.87
C GLU B 281 -19.51 4.31 1.24
N ASP B 282 -19.73 3.90 2.48
CA ASP B 282 -19.23 2.59 2.92
C ASP B 282 -20.20 1.44 2.66
N SER B 283 -21.46 1.77 2.45
CA SER B 283 -22.41 0.78 1.98
C SER B 283 -23.29 1.44 0.94
N THR B 284 -23.18 0.96 -0.30
CA THR B 284 -24.00 1.43 -1.40
C THR B 284 -24.50 0.20 -2.14
N HIS B 285 -25.13 0.40 -3.29
CA HIS B 285 -25.70 -0.75 -4.01
C HIS B 285 -24.74 -1.25 -5.09
N THR B 286 -23.46 -1.32 -4.73
CA THR B 286 -22.46 -1.97 -5.56
C THR B 286 -21.36 -2.49 -4.65
N LEU B 287 -20.63 -3.50 -5.11
CA LEU B 287 -19.32 -3.76 -4.51
C LEU B 287 -18.44 -2.57 -4.90
N HIS B 288 -17.74 -1.99 -3.93
CA HIS B 288 -17.01 -0.74 -4.16
C HIS B 288 -15.54 -1.09 -4.41
N ASN B 289 -14.71 -0.07 -4.57
CA ASN B 289 -13.28 -0.26 -4.78
C ASN B 289 -12.53 -0.33 -3.47
N THR B 290 -11.87 -1.44 -3.20
CA THR B 290 -10.84 -1.39 -2.18
C THR B 290 -9.55 -0.87 -2.82
N TYR B 291 -9.58 -0.76 -4.14
CA TYR B 291 -8.50 -0.18 -4.93
C TYR B 291 -9.12 0.37 -6.20
N SER B 292 -8.82 1.64 -6.52
CA SER B 292 -9.41 2.26 -7.69
C SER B 292 -8.45 2.18 -8.87
N LEU B 293 -8.96 1.79 -10.03
CA LEU B 293 -8.09 1.66 -11.21
C LEU B 293 -7.57 3.00 -11.68
N ARG B 294 -8.18 4.08 -11.21
CA ARG B 294 -7.68 5.44 -11.49
C ARG B 294 -6.26 5.56 -10.97
N GLY B 295 -5.95 4.78 -9.94
CA GLY B 295 -4.66 4.85 -9.29
C GLY B 295 -4.80 5.62 -8.01
N ALA B 296 -4.57 4.92 -6.89
CA ALA B 296 -4.76 5.47 -5.58
C ALA B 296 -4.14 4.52 -4.58
N LYS B 297 -3.99 4.97 -3.34
CA LYS B 297 -3.52 4.10 -2.27
C LYS B 297 -4.53 2.97 -2.07
N ILE B 298 -4.04 1.76 -1.83
CA ILE B 298 -4.92 0.60 -1.64
C ILE B 298 -5.60 0.63 -0.27
N ARG B 299 -6.89 0.35 -0.23
CA ARG B 299 -7.64 0.40 1.02
C ARG B 299 -7.74 -0.95 1.72
N ASP B 300 -8.09 -0.91 3.00
CA ASP B 300 -8.12 -2.08 3.87
C ASP B 300 -9.55 -2.65 3.95
N PRO B 301 -9.80 -3.77 3.26
CA PRO B 301 -11.17 -4.33 3.31
C PRO B 301 -11.58 -4.83 4.70
N LEU B 302 -10.62 -5.21 5.54
CA LEU B 302 -10.97 -5.68 6.87
C LEU B 302 -11.50 -4.52 7.72
N ALA B 303 -10.84 -3.37 7.64
CA ALA B 303 -11.27 -2.21 8.40
C ALA B 303 -12.67 -1.82 7.96
N TRP B 304 -12.88 -1.88 6.64
CA TRP B 304 -14.16 -1.53 6.05
C TRP B 304 -15.26 -2.43 6.59
N SER B 305 -15.00 -3.75 6.59
CA SER B 305 -15.94 -4.72 7.13
C SER B 305 -16.28 -4.41 8.58
N LYS B 306 -15.25 -4.13 9.37
CA LYS B 306 -15.46 -3.89 10.79
C LYS B 306 -16.27 -2.62 11.05
N TYR B 307 -16.13 -1.61 10.20
CA TYR B 307 -16.97 -0.42 10.36
C TYR B 307 -18.43 -0.73 10.09
N LEU B 308 -18.68 -1.57 9.08
CA LEU B 308 -20.06 -1.98 8.82
C LEU B 308 -20.62 -2.80 9.98
N ASN B 309 -19.80 -3.69 10.55
CA ASN B 309 -20.18 -4.45 11.73
C ASN B 309 -20.48 -3.55 12.91
N GLU B 310 -19.69 -2.48 13.06
CA GLU B 310 -19.88 -1.57 14.19
C GLU B 310 -21.17 -0.79 14.01
N ALA B 311 -21.49 -0.45 12.76
CA ALA B 311 -22.78 0.19 12.46
C ALA B 311 -23.94 -0.71 12.88
N LEU B 312 -23.84 -2.01 12.62
CA LEU B 312 -24.84 -2.96 13.09
C LEU B 312 -24.91 -3.00 14.60
N LYS B 313 -23.76 -2.98 15.27
CA LYS B 313 -23.73 -3.02 16.72
C LYS B 313 -24.44 -1.80 17.33
N LEU B 314 -24.10 -0.63 16.81
CA LEU B 314 -24.62 0.64 17.34
C LEU B 314 -26.09 0.90 17.01
N TRP B 315 -26.49 0.63 15.77
CA TRP B 315 -27.83 1.02 15.30
C TRP B 315 -28.72 -0.09 14.77
N GLY B 316 -28.18 -1.29 14.62
CA GLY B 316 -28.89 -2.38 13.97
C GLY B 316 -30.28 -2.69 14.51
N ASP B 317 -30.44 -2.59 15.83
CA ASP B 317 -31.71 -2.91 16.45
C ASP B 317 -32.78 -1.86 16.20
N ASP B 318 -32.34 -0.63 15.94
CA ASP B 318 -33.27 0.50 15.94
C ASP B 318 -33.55 1.05 14.54
N VAL B 319 -32.58 0.93 13.64
CA VAL B 319 -32.63 1.60 12.34
C VAL B 319 -33.87 1.23 11.48
N GLN B 320 -34.51 2.24 10.90
CA GLN B 320 -35.70 2.03 10.07
C GLN B 320 -35.47 2.35 8.59
N VAL B 321 -34.42 3.11 8.31
CA VAL B 321 -34.09 3.48 6.94
C VAL B 321 -32.61 3.80 6.86
N MET B 322 -31.98 3.37 5.78
CA MET B 322 -30.58 3.69 5.54
C MET B 322 -30.47 4.33 4.17
N TYR B 323 -29.78 5.46 4.11
CA TYR B 323 -29.53 6.12 2.83
C TYR B 323 -28.02 6.31 2.70
N ALA B 324 -27.55 6.62 1.49
CA ALA B 324 -26.12 6.80 1.31
C ALA B 324 -25.86 7.97 0.38
N MET B 325 -24.59 8.29 0.19
CA MET B 325 -24.23 9.47 -0.61
C MET B 325 -24.09 9.13 -2.09
N HIS B 326 -24.27 7.85 -2.41
CA HIS B 326 -24.54 7.41 -3.79
C HIS B 326 -25.69 6.42 -3.73
N HIS B 327 -26.39 6.27 -4.87
CA HIS B 327 -27.51 5.34 -4.99
C HIS B 327 -28.71 5.66 -4.08
N TRP B 328 -29.66 4.72 -4.04
CA TRP B 328 -30.97 4.91 -3.39
C TRP B 328 -31.03 4.28 -1.98
N PRO B 329 -32.06 4.62 -1.19
CA PRO B 329 -32.10 4.07 0.17
C PRO B 329 -32.62 2.65 0.26
N VAL B 330 -32.56 2.11 1.47
CA VAL B 330 -33.16 0.85 1.84
C VAL B 330 -34.05 1.10 3.05
N TRP B 331 -35.27 0.57 3.02
CA TRP B 331 -36.23 0.80 4.10
C TRP B 331 -36.56 -0.48 4.83
N GLY B 332 -36.72 -0.37 6.15
CA GLY B 332 -37.16 -1.49 6.96
C GLY B 332 -36.00 -2.02 7.76
N ASN B 333 -36.24 -2.29 9.05
CA ASN B 333 -35.13 -2.75 9.88
C ASN B 333 -34.46 -4.02 9.35
N LYS B 334 -35.28 -4.99 8.96
CA LYS B 334 -34.77 -6.26 8.45
C LYS B 334 -33.92 -6.07 7.20
N GLU B 335 -34.43 -5.24 6.30
CA GLU B 335 -33.78 -4.95 5.03
C GLU B 335 -32.47 -4.19 5.21
N VAL B 336 -32.47 -3.21 6.11
CA VAL B 336 -31.24 -2.46 6.38
C VAL B 336 -30.20 -3.39 6.97
N ARG B 337 -30.59 -4.20 7.95
CA ARG B 337 -29.65 -5.11 8.56
C ARG B 337 -29.08 -6.10 7.56
N GLU B 338 -29.89 -6.55 6.61
CA GLU B 338 -29.40 -7.49 5.61
C GLU B 338 -28.35 -6.86 4.73
N GLN B 339 -28.60 -5.66 4.23
CA GLN B 339 -27.60 -5.01 3.38
C GLN B 339 -26.28 -4.81 4.13
N LEU B 340 -26.37 -4.33 5.36
CA LEU B 340 -25.15 -4.09 6.14
C LEU B 340 -24.43 -5.40 6.40
N SER B 341 -25.18 -6.43 6.70
CA SER B 341 -24.61 -7.72 7.07
C SER B 341 -23.93 -8.38 5.87
N LEU B 342 -24.61 -8.41 4.74
CA LEU B 342 -24.02 -9.03 3.57
C LEU B 342 -22.79 -8.28 3.09
N GLN B 343 -22.81 -6.95 3.15
CA GLN B 343 -21.66 -6.18 2.69
C GLN B 343 -20.51 -6.29 3.69
N ARG B 344 -20.82 -6.30 4.98
CA ARG B 344 -19.81 -6.60 5.99
C ARG B 344 -19.13 -7.92 5.64
N ASP B 345 -19.93 -8.96 5.37
CA ASP B 345 -19.39 -10.30 5.10
C ASP B 345 -18.55 -10.28 3.84
N MET B 346 -19.03 -9.55 2.83
CA MET B 346 -18.35 -9.44 1.54
C MET B 346 -16.94 -8.87 1.68
N TYR B 347 -16.79 -7.75 2.39
CA TYR B 347 -15.46 -7.15 2.55
C TYR B 347 -14.55 -8.01 3.43
N ARG B 348 -15.10 -8.66 4.45
CA ARG B 348 -14.29 -9.58 5.24
C ARG B 348 -13.84 -10.78 4.42
N TYR B 349 -14.72 -11.27 3.55
CA TYR B 349 -14.38 -12.43 2.72
C TYR B 349 -13.20 -12.11 1.80
N ILE B 350 -13.21 -10.91 1.22
CA ILE B 350 -12.11 -10.46 0.39
C ILE B 350 -10.80 -10.45 1.18
N ASN B 351 -10.87 -9.93 2.39
CA ASN B 351 -9.68 -9.88 3.22
C ASN B 351 -9.16 -11.24 3.64
N ASP B 352 -10.03 -12.02 4.27
CA ASP B 352 -9.61 -13.26 4.89
C ASP B 352 -9.24 -14.35 3.88
N GLU B 353 -9.98 -14.44 2.80
CA GLU B 353 -9.68 -15.48 1.80
C GLU B 353 -8.40 -15.17 1.04
N THR B 354 -8.14 -13.88 0.81
CA THR B 354 -6.92 -13.49 0.13
C THR B 354 -5.73 -13.88 1.01
N LEU B 355 -5.84 -13.59 2.30
CA LEU B 355 -4.77 -13.92 3.23
C LEU B 355 -4.59 -15.43 3.38
N ARG B 356 -5.69 -16.18 3.45
CA ARG B 356 -5.60 -17.63 3.63
C ARG B 356 -4.89 -18.24 2.42
N LEU B 357 -5.30 -17.83 1.23
CA LEU B 357 -4.67 -18.32 0.01
C LEU B 357 -3.21 -17.88 -0.12
N ALA B 358 -2.89 -16.66 0.31
CA ALA B 358 -1.50 -16.22 0.29
C ALA B 358 -0.62 -17.06 1.24
N ASN B 359 -1.17 -17.39 2.42
CA ASN B 359 -0.47 -18.23 3.38
C ASN B 359 -0.30 -19.66 2.87
N LYS B 360 -1.14 -20.05 1.91
CA LYS B 360 -1.01 -21.35 1.26
C LYS B 360 -0.05 -21.32 0.07
N GLY B 361 0.47 -20.13 -0.23
CA GLY B 361 1.48 -20.00 -1.28
C GLY B 361 0.98 -19.54 -2.65
N TYR B 362 -0.31 -19.27 -2.76
CA TYR B 362 -0.83 -18.73 -4.01
C TYR B 362 -0.38 -17.27 -4.16
N THR B 363 -0.16 -16.85 -5.40
CA THR B 363 0.31 -15.48 -5.65
C THR B 363 -0.82 -14.63 -6.20
N MET B 364 -0.56 -13.32 -6.35
CA MET B 364 -1.60 -12.31 -6.64
C MET B 364 -2.69 -12.69 -7.63
N THR B 365 -2.31 -13.06 -8.85
CA THR B 365 -3.28 -13.32 -9.90
C THR B 365 -3.94 -14.67 -9.72
N GLU B 366 -3.22 -15.64 -9.15
CA GLU B 366 -3.81 -16.93 -8.82
C GLU B 366 -4.90 -16.79 -7.78
N ILE B 367 -4.66 -15.97 -6.76
CA ILE B 367 -5.66 -15.78 -5.70
C ILE B 367 -6.90 -15.11 -6.29
N ALA B 368 -6.71 -14.10 -7.13
CA ALA B 368 -7.83 -13.41 -7.76
C ALA B 368 -8.66 -14.33 -8.65
N GLU B 369 -8.03 -15.36 -9.20
CA GLU B 369 -8.74 -16.31 -10.06
C GLU B 369 -9.62 -17.25 -9.24
N GLN B 370 -9.23 -17.49 -7.99
CA GLN B 370 -9.91 -18.48 -7.15
C GLN B 370 -11.01 -17.90 -6.28
N VAL B 371 -10.79 -16.71 -5.76
CA VAL B 371 -11.73 -16.17 -4.78
C VAL B 371 -13.07 -15.88 -5.44
N LYS B 372 -14.14 -16.46 -4.91
CA LYS B 372 -15.49 -16.27 -5.44
C LYS B 372 -16.44 -16.06 -4.26
N LEU B 373 -17.20 -14.96 -4.30
CA LEU B 373 -18.07 -14.66 -3.17
C LEU B 373 -19.15 -15.72 -3.06
N PRO B 374 -19.51 -16.08 -1.82
CA PRO B 374 -20.56 -17.07 -1.56
C PRO B 374 -21.89 -16.64 -2.20
N LYS B 375 -22.70 -17.62 -2.58
CA LYS B 375 -23.94 -17.38 -3.33
C LYS B 375 -24.90 -16.39 -2.68
N LYS B 376 -25.06 -16.46 -1.36
CA LYS B 376 -25.99 -15.57 -0.65
C LYS B 376 -25.59 -14.09 -0.78
N ILE B 377 -24.29 -13.84 -0.88
CA ILE B 377 -23.78 -12.49 -1.13
C ILE B 377 -23.88 -12.17 -2.62
N ALA B 378 -23.35 -13.07 -3.45
CA ALA B 378 -23.15 -12.81 -4.88
C ALA B 378 -24.43 -12.71 -5.70
N THR B 379 -25.54 -13.27 -5.21
CA THR B 379 -26.78 -13.23 -5.99
C THR B 379 -27.67 -12.03 -5.68
N LYS B 380 -27.18 -11.10 -4.85
CA LYS B 380 -27.88 -9.85 -4.61
C LYS B 380 -27.30 -8.79 -5.53
N PHE B 381 -28.14 -8.07 -6.26
CA PHE B 381 -27.63 -7.03 -7.16
C PHE B 381 -26.84 -5.95 -6.44
N SER B 382 -27.19 -5.65 -5.20
CA SER B 382 -26.48 -4.65 -4.41
C SER B 382 -25.01 -4.99 -4.15
N ASN B 383 -24.65 -6.27 -4.32
CA ASN B 383 -23.29 -6.70 -4.03
C ASN B 383 -22.46 -6.99 -5.29
N ARG B 384 -23.02 -6.69 -6.46
CA ARG B 384 -22.32 -6.98 -7.70
C ARG B 384 -21.25 -5.93 -7.96
N GLY B 385 -20.21 -6.31 -8.70
CA GLY B 385 -19.12 -5.39 -8.97
C GLY B 385 -19.45 -4.45 -10.11
N TYR B 386 -20.24 -3.42 -9.83
CA TYR B 386 -20.55 -2.41 -10.85
C TYR B 386 -19.54 -1.29 -10.90
N TYR B 387 -18.88 -1.06 -9.77
CA TYR B 387 -17.87 -0.01 -9.67
C TYR B 387 -16.56 -0.71 -9.36
N GLY B 388 -16.44 -1.25 -8.16
CA GLY B 388 -15.33 -2.14 -7.88
C GLY B 388 -15.54 -3.44 -8.64
N SER B 389 -14.52 -4.30 -8.62
CA SER B 389 -14.67 -5.66 -9.13
C SER B 389 -13.98 -6.54 -8.12
N LEU B 390 -14.46 -7.75 -7.97
CA LEU B 390 -13.87 -8.66 -7.00
C LEU B 390 -12.42 -8.96 -7.39
N ASN B 391 -12.19 -9.16 -8.68
CA ASN B 391 -10.86 -9.53 -9.15
C ASN B 391 -9.78 -8.49 -8.81
N HIS B 392 -10.03 -7.22 -9.13
CA HIS B 392 -8.98 -6.22 -8.84
C HIS B 392 -8.91 -5.85 -7.37
N ASN B 393 -10.01 -6.02 -6.64
CA ASN B 393 -9.98 -5.85 -5.19
C ASN B 393 -9.13 -6.91 -4.51
N VAL B 394 -9.23 -8.15 -4.99
CA VAL B 394 -8.47 -9.23 -4.41
C VAL B 394 -6.98 -9.08 -4.73
N LYS B 395 -6.65 -8.75 -5.98
CA LYS B 395 -5.26 -8.47 -6.31
C LYS B 395 -4.67 -7.40 -5.42
N ALA B 396 -5.43 -6.31 -5.24
CA ALA B 396 -4.96 -5.22 -4.41
C ALA B 396 -4.74 -5.64 -2.97
N THR B 397 -5.60 -6.54 -2.48
CA THR B 397 -5.48 -7.00 -1.10
C THR B 397 -4.20 -7.83 -0.89
N TYR B 398 -3.82 -8.63 -1.88
CA TYR B 398 -2.52 -9.31 -1.80
C TYR B 398 -1.40 -8.28 -1.70
N VAL B 399 -1.49 -7.22 -2.50
CA VAL B 399 -0.45 -6.19 -2.51
C VAL B 399 -0.44 -5.38 -1.21
N LEU B 400 -1.61 -5.18 -0.62
CA LEU B 400 -1.71 -4.50 0.67
C LEU B 400 -0.85 -5.17 1.73
N TYR B 401 -0.88 -6.50 1.74
CA TYR B 401 -0.13 -7.27 2.76
C TYR B 401 1.29 -7.65 2.37
N LEU B 402 1.54 -7.88 1.09
CA LEU B 402 2.81 -8.48 0.67
C LEU B 402 3.56 -7.68 -0.39
N GLY B 403 2.94 -6.63 -0.90
CA GLY B 403 3.57 -5.78 -1.91
C GLY B 403 3.49 -6.34 -3.31
N TRP B 404 4.31 -5.81 -4.21
CA TRP B 404 4.17 -6.11 -5.64
C TRP B 404 4.83 -7.43 -6.08
N PHE B 405 5.85 -7.85 -5.34
CA PHE B 405 6.67 -8.98 -5.77
C PHE B 405 6.04 -10.29 -5.30
N ILE B 406 5.85 -11.23 -6.22
CA ILE B 406 5.15 -12.48 -5.89
C ILE B 406 6.10 -13.57 -5.42
N GLY B 407 7.38 -13.24 -5.23
CA GLY B 407 8.29 -14.17 -4.58
C GLY B 407 9.14 -15.01 -5.51
N ASN B 408 8.63 -15.29 -6.71
CA ASN B 408 9.38 -16.07 -7.68
C ASN B 408 10.40 -15.15 -8.34
N PRO B 409 11.70 -15.43 -8.15
CA PRO B 409 12.74 -14.52 -8.63
C PRO B 409 12.83 -14.37 -10.16
N ALA B 410 12.16 -15.25 -10.89
CA ALA B 410 12.02 -15.04 -12.34
C ALA B 410 11.33 -13.71 -12.64
N THR B 411 10.60 -13.19 -11.65
CA THR B 411 9.83 -11.96 -11.81
C THR B 411 10.42 -10.75 -11.11
N LEU B 412 11.60 -10.92 -10.50
CA LEU B 412 12.20 -9.83 -9.72
C LEU B 412 12.73 -8.66 -10.56
N TRP B 413 13.34 -8.97 -11.69
CA TRP B 413 14.04 -7.96 -12.49
C TRP B 413 13.71 -8.14 -13.97
N GLU B 414 12.41 -8.19 -14.27
CA GLU B 414 11.96 -8.37 -15.64
C GLU B 414 12.32 -7.16 -16.49
N LEU B 415 12.47 -7.40 -17.79
CA LEU B 415 12.68 -6.27 -18.69
C LEU B 415 11.38 -5.48 -18.78
N PRO B 416 11.48 -4.18 -19.09
CA PRO B 416 10.30 -3.32 -19.28
C PRO B 416 9.45 -3.80 -20.46
N PRO B 417 8.17 -3.39 -20.51
CA PRO B 417 7.19 -3.82 -21.52
C PRO B 417 7.68 -3.80 -22.97
N ALA B 418 8.22 -2.67 -23.44
CA ALA B 418 8.69 -2.59 -24.83
C ALA B 418 9.86 -3.54 -25.11
N ASP B 419 10.74 -3.70 -24.14
CA ASP B 419 11.90 -4.57 -24.30
C ASP B 419 11.54 -6.04 -24.30
N LYS B 420 10.68 -6.46 -23.37
CA LYS B 420 10.26 -7.86 -23.35
C LYS B 420 9.41 -8.18 -24.57
N ALA B 421 8.64 -7.20 -25.04
CA ALA B 421 7.72 -7.43 -26.16
C ALA B 421 8.48 -7.85 -27.41
N LYS B 422 9.58 -7.16 -27.67
CA LYS B 422 10.39 -7.46 -28.86
C LYS B 422 10.88 -8.91 -28.82
N ARG B 423 11.25 -9.37 -27.62
CA ARG B 423 11.78 -10.72 -27.47
C ARG B 423 10.67 -11.76 -27.59
N TYR B 424 9.51 -11.47 -26.99
CA TYR B 424 8.36 -12.37 -27.14
C TYR B 424 7.98 -12.54 -28.60
N VAL B 425 7.91 -11.43 -29.33
CA VAL B 425 7.50 -11.48 -30.73
C VAL B 425 8.50 -12.28 -31.56
N GLU B 426 9.77 -12.06 -31.30
CA GLU B 426 10.85 -12.78 -31.98
C GLU B 426 10.70 -14.29 -31.78
N MET B 427 10.47 -14.71 -30.54
CA MET B 427 10.41 -16.14 -30.21
C MET B 427 9.13 -16.81 -30.69
N MET B 428 8.12 -16.01 -30.99
CA MET B 428 6.88 -16.54 -31.51
C MET B 428 6.83 -16.47 -33.03
N GLY B 429 7.93 -16.06 -33.65
CA GLY B 429 8.06 -16.14 -35.08
C GLY B 429 7.76 -14.87 -35.87
N GLY B 430 7.66 -13.74 -35.18
CA GLY B 430 7.42 -12.47 -35.85
C GLY B 430 6.00 -11.98 -35.72
N ALA B 431 5.77 -10.69 -35.99
CA ALA B 431 4.45 -10.08 -35.82
C ALA B 431 3.33 -10.78 -36.58
N ASP B 432 3.55 -11.08 -37.85
CA ASP B 432 2.53 -11.74 -38.67
C ASP B 432 2.14 -13.09 -38.07
N ALA B 433 3.13 -13.86 -37.64
CA ALA B 433 2.89 -15.18 -37.06
C ALA B 433 2.13 -15.08 -35.74
N VAL B 434 2.45 -14.07 -34.94
CA VAL B 434 1.74 -13.88 -33.66
C VAL B 434 0.26 -13.58 -33.90
N LEU B 435 -0.02 -12.68 -34.84
CA LEU B 435 -1.42 -12.32 -35.11
C LEU B 435 -2.23 -13.50 -35.65
N LYS B 436 -1.62 -14.32 -36.49
CA LYS B 436 -2.30 -15.50 -37.02
C LYS B 436 -2.64 -16.49 -35.93
N LYS B 437 -1.69 -16.74 -35.02
CA LYS B 437 -1.92 -17.64 -33.91
C LYS B 437 -2.95 -17.06 -32.95
N ALA B 438 -2.83 -15.77 -32.68
CA ALA B 438 -3.75 -15.07 -31.78
C ALA B 438 -5.19 -15.11 -32.30
N LYS B 439 -5.35 -15.10 -33.62
CA LYS B 439 -6.68 -15.19 -34.21
C LYS B 439 -7.41 -16.47 -33.81
N GLU B 440 -6.68 -17.58 -33.73
CA GLU B 440 -7.25 -18.87 -33.37
C GLU B 440 -7.81 -18.83 -31.95
N TYR B 441 -7.03 -18.21 -31.06
CA TYR B 441 -7.45 -18.02 -29.68
C TYR B 441 -8.68 -17.12 -29.58
N TYR B 442 -8.70 -16.08 -30.40
CA TYR B 442 -9.80 -15.12 -30.42
C TYR B 442 -11.08 -15.83 -30.82
N ASP B 443 -11.01 -16.64 -31.87
CA ASP B 443 -12.17 -17.36 -32.36
C ASP B 443 -12.67 -18.39 -31.37
N LYS B 444 -11.82 -18.77 -30.41
CA LYS B 444 -12.23 -19.68 -29.34
C LYS B 444 -12.70 -18.89 -28.12
N GLY B 445 -12.69 -17.56 -28.23
CA GLY B 445 -13.20 -16.69 -27.17
C GLY B 445 -12.24 -16.42 -26.02
N ASP B 446 -10.97 -16.77 -26.19
CA ASP B 446 -9.96 -16.56 -25.14
C ASP B 446 -9.41 -15.14 -25.25
N PHE B 447 -10.26 -14.16 -25.01
CA PHE B 447 -9.86 -12.76 -25.18
C PHE B 447 -8.85 -12.27 -24.13
N ARG B 448 -8.91 -12.83 -22.93
CA ARG B 448 -7.93 -12.46 -21.89
C ARG B 448 -6.53 -12.80 -22.37
N TRP B 449 -6.39 -13.92 -23.07
CA TRP B 449 -5.10 -14.27 -23.62
C TRP B 449 -4.72 -13.42 -24.83
N VAL B 450 -5.65 -13.20 -25.75
CA VAL B 450 -5.35 -12.41 -26.95
C VAL B 450 -4.88 -11.01 -26.53
N ALA B 451 -5.57 -10.43 -25.56
CA ALA B 451 -5.21 -9.09 -25.10
C ALA B 451 -3.81 -9.04 -24.52
N GLU B 452 -3.37 -10.10 -23.85
CA GLU B 452 -1.99 -10.12 -23.33
C GLU B 452 -0.96 -10.29 -24.43
N VAL B 453 -1.15 -11.29 -25.29
CA VAL B 453 -0.10 -11.62 -26.26
C VAL B 453 0.00 -10.62 -27.41
N VAL B 454 -1.13 -10.12 -27.89
CA VAL B 454 -1.10 -9.14 -28.98
C VAL B 454 -0.57 -7.79 -28.47
N ASN B 455 -0.70 -7.54 -27.18
CA ASN B 455 -0.14 -6.35 -26.57
C ASN B 455 1.39 -6.28 -26.80
N HIS B 456 2.03 -7.45 -26.82
CA HIS B 456 3.47 -7.49 -27.15
C HIS B 456 3.75 -7.05 -28.58
N VAL B 457 2.90 -7.41 -29.52
CA VAL B 457 3.13 -6.96 -30.89
C VAL B 457 3.01 -5.44 -30.97
N VAL B 458 2.02 -4.91 -30.27
CA VAL B 458 1.81 -3.47 -30.25
C VAL B 458 2.99 -2.75 -29.61
N PHE B 459 3.48 -3.26 -28.49
CA PHE B 459 4.59 -2.60 -27.81
C PHE B 459 5.94 -2.80 -28.54
N ALA B 460 6.03 -3.86 -29.32
CA ALA B 460 7.23 -4.07 -30.14
C ALA B 460 7.18 -3.23 -31.41
N GLU B 461 5.97 -3.07 -31.96
CA GLU B 461 5.79 -2.42 -33.25
C GLU B 461 4.56 -1.51 -33.20
N PRO B 462 4.70 -0.34 -32.57
CA PRO B 462 3.52 0.49 -32.31
C PRO B 462 2.87 1.07 -33.55
N ASN B 463 3.54 0.99 -34.71
CA ASN B 463 2.94 1.44 -35.95
C ASN B 463 2.20 0.33 -36.71
N ASN B 464 2.21 -0.88 -36.15
CA ASN B 464 1.52 -2.00 -36.80
C ASN B 464 0.02 -1.89 -36.55
N GLN B 465 -0.73 -1.35 -37.51
CA GLN B 465 -2.16 -1.13 -37.29
C GLN B 465 -2.94 -2.44 -37.23
N ALA B 466 -2.47 -3.45 -37.97
CA ALA B 466 -3.14 -4.76 -37.93
C ALA B 466 -3.12 -5.32 -36.51
N ALA B 467 -2.00 -5.13 -35.83
CA ALA B 467 -1.86 -5.60 -34.45
C ALA B 467 -2.76 -4.78 -33.52
N LYS B 468 -2.76 -3.48 -33.71
CA LYS B 468 -3.57 -2.59 -32.89
C LYS B 468 -5.05 -2.87 -33.10
N ASN B 469 -5.43 -3.16 -34.34
CA ASN B 469 -6.81 -3.52 -34.63
C ASN B 469 -7.28 -4.78 -33.94
N MET B 470 -6.43 -5.80 -33.90
CA MET B 470 -6.79 -7.08 -33.28
C MET B 470 -6.82 -6.93 -31.76
N GLN B 471 -5.86 -6.20 -31.21
CA GLN B 471 -5.83 -5.92 -29.78
C GLN B 471 -7.10 -5.18 -29.38
N ALA B 472 -7.50 -4.21 -30.19
CA ALA B 472 -8.75 -3.47 -29.95
C ALA B 472 -9.96 -4.39 -29.95
N ASP B 473 -10.04 -5.28 -30.93
CA ASP B 473 -11.15 -6.23 -30.99
C ASP B 473 -11.23 -7.06 -29.71
N ALA B 474 -10.07 -7.48 -29.20
CA ALA B 474 -10.03 -8.30 -27.99
C ALA B 474 -10.46 -7.51 -26.76
N LEU B 475 -9.90 -6.32 -26.61
CA LEU B 475 -10.27 -5.45 -25.48
C LEU B 475 -11.76 -5.17 -25.52
N GLU B 476 -12.28 -4.94 -26.73
CA GLU B 476 -13.68 -4.58 -26.90
C GLU B 476 -14.64 -5.69 -26.45
N GLN B 477 -14.34 -6.93 -26.81
CA GLN B 477 -15.18 -8.06 -26.37
C GLN B 477 -15.15 -8.18 -24.84
N LEU B 478 -13.99 -7.94 -24.24
CA LEU B 478 -13.86 -7.94 -22.79
C LEU B 478 -14.69 -6.81 -22.19
N GLY B 479 -14.74 -5.68 -22.89
CA GLY B 479 -15.56 -4.55 -22.49
C GLY B 479 -17.04 -4.89 -22.53
N TYR B 480 -17.44 -5.57 -23.60
CA TYR B 480 -18.83 -6.00 -23.75
C TYR B 480 -19.23 -6.96 -22.63
N GLN B 481 -18.26 -7.69 -22.08
CA GLN B 481 -18.52 -8.67 -21.04
C GLN B 481 -18.46 -8.11 -19.63
N ALA B 482 -17.85 -6.94 -19.49
CA ALA B 482 -17.55 -6.36 -18.17
C ALA B 482 -18.80 -5.94 -17.37
N GLU B 483 -18.87 -6.38 -16.12
CA GLU B 483 -19.97 -6.01 -15.23
C GLU B 483 -19.66 -4.69 -14.54
N SER B 484 -18.38 -4.37 -14.42
CA SER B 484 -17.96 -3.12 -13.80
C SER B 484 -17.94 -2.02 -14.85
N GLY B 485 -18.56 -0.88 -14.52
CA GLY B 485 -18.49 0.28 -15.38
C GLY B 485 -17.06 0.70 -15.67
N PRO B 486 -16.24 0.90 -14.62
CA PRO B 486 -14.84 1.24 -14.84
C PRO B 486 -14.09 0.21 -15.71
N TRP B 487 -14.34 -1.09 -15.52
CA TRP B 487 -13.72 -2.09 -16.38
C TRP B 487 -14.14 -1.90 -17.83
N ARG B 488 -15.44 -1.80 -18.07
CA ARG B 488 -15.96 -1.59 -19.42
C ARG B 488 -15.32 -0.38 -20.07
N ASN B 489 -15.27 0.72 -19.33
CA ASN B 489 -14.68 1.94 -19.86
C ASN B 489 -13.18 1.84 -20.15
N PHE B 490 -12.42 1.17 -19.29
CA PHE B 490 -10.99 0.99 -19.57
C PHE B 490 -10.81 0.21 -20.87
N TYR B 491 -11.57 -0.88 -21.00
CA TYR B 491 -11.47 -1.74 -22.19
C TYR B 491 -11.89 -1.03 -23.46
N LEU B 492 -13.04 -0.36 -23.41
CA LEU B 492 -13.54 0.29 -24.62
C LEU B 492 -12.73 1.53 -25.01
N THR B 493 -12.21 2.25 -24.02
CA THR B 493 -11.37 3.40 -24.33
C THR B 493 -10.03 2.93 -24.92
N GLY B 494 -9.49 1.84 -24.38
CA GLY B 494 -8.27 1.26 -24.94
C GLY B 494 -8.48 0.89 -26.40
N ALA B 495 -9.60 0.21 -26.67
CA ALA B 495 -9.96 -0.16 -28.05
C ALA B 495 -10.03 1.07 -28.94
N GLN B 496 -10.68 2.13 -28.45
CA GLN B 496 -10.83 3.35 -29.25
C GLN B 496 -9.50 4.02 -29.57
N GLU B 497 -8.61 4.13 -28.59
CA GLU B 497 -7.32 4.76 -28.83
C GLU B 497 -6.42 3.91 -29.75
N LEU B 498 -6.54 2.60 -29.66
CA LEU B 498 -5.77 1.72 -30.55
C LEU B 498 -6.19 1.88 -32.00
N ARG B 499 -7.49 2.04 -32.21
CA ARG B 499 -8.01 2.21 -33.56
C ARG B 499 -7.77 3.61 -34.12
N ASN B 500 -7.85 4.62 -33.26
CA ASN B 500 -7.88 6.01 -33.73
C ASN B 500 -6.69 6.89 -33.36
N GLY B 501 -5.85 6.41 -32.44
CA GLY B 501 -4.81 7.24 -31.87
C GLY B 501 -5.39 8.01 -30.68
N VAL B 502 -4.52 8.66 -29.93
CA VAL B 502 -4.96 9.47 -28.79
C VAL B 502 -5.43 10.82 -29.32
N GLN B 503 -6.62 11.22 -28.94
CA GLN B 503 -7.14 12.49 -29.42
C GLN B 503 -6.54 13.66 -28.65
N GLN B 504 -5.98 14.61 -29.39
CA GLN B 504 -5.29 15.73 -28.78
C GLN B 504 -6.27 16.75 -28.23
N LEU B 505 -6.15 17.01 -26.93
CA LEU B 505 -7.09 17.90 -26.26
C LEU B 505 -6.39 18.78 -25.23
N PRO B 506 -7.08 19.86 -24.82
CA PRO B 506 -6.74 20.64 -23.63
C PRO B 506 -6.50 19.75 -22.43
N THR B 507 -5.45 20.03 -21.67
CA THR B 507 -5.35 19.53 -20.31
C THR B 507 -6.62 20.07 -19.63
N PRO B 508 -7.37 19.21 -18.94
CA PRO B 508 -8.49 19.81 -18.21
C PRO B 508 -8.01 20.64 -17.02
N ASP B 509 -8.96 21.03 -16.16
CA ASP B 509 -8.65 21.80 -14.97
C ASP B 509 -7.68 21.05 -14.05
N THR B 510 -7.08 21.78 -13.11
CA THR B 510 -5.85 21.32 -12.45
C THR B 510 -5.97 21.34 -10.93
N ALA B 511 -6.21 22.52 -10.39
CA ALA B 511 -6.45 22.70 -8.96
C ALA B 511 -7.28 23.96 -8.79
N SER B 512 -8.40 23.84 -8.09
CA SER B 512 -9.27 24.98 -7.86
C SER B 512 -8.60 25.98 -6.91
N PRO B 513 -8.93 27.27 -7.06
CA PRO B 513 -8.42 28.33 -6.18
C PRO B 513 -8.60 27.98 -4.70
N ASP B 514 -9.76 27.49 -4.30
CA ASP B 514 -9.98 27.14 -2.90
C ASP B 514 -9.04 26.01 -2.45
N THR B 515 -8.83 25.05 -3.33
CA THR B 515 -7.96 23.92 -3.01
C THR B 515 -6.51 24.36 -2.83
N VAL B 516 -6.01 25.16 -3.78
CA VAL B 516 -4.65 25.71 -3.71
C VAL B 516 -4.43 26.51 -2.43
N LYS B 517 -5.40 27.34 -2.07
CA LYS B 517 -5.30 28.17 -0.87
C LYS B 517 -5.33 27.36 0.43
N ALA B 518 -5.97 26.20 0.40
CA ALA B 518 -6.08 25.36 1.60
C ALA B 518 -4.87 24.45 1.73
N MET B 519 -4.09 24.34 0.65
CA MET B 519 -2.86 23.55 0.64
C MET B 519 -1.84 24.17 1.58
N ASP B 520 -1.29 23.38 2.49
CA ASP B 520 -0.25 23.90 3.37
C ASP B 520 1.07 23.98 2.61
N LEU B 521 2.00 24.77 3.12
CA LEU B 521 3.27 24.98 2.42
C LEU B 521 4.08 23.70 2.28
N ASP B 522 4.00 22.82 3.28
CA ASP B 522 4.68 21.52 3.21
C ASP B 522 4.28 20.77 1.93
N LEU B 523 2.98 20.69 1.69
CA LEU B 523 2.44 20.04 0.48
C LEU B 523 2.88 20.78 -0.76
N PHE B 524 2.87 22.11 -0.73
CA PHE B 524 3.26 22.87 -1.89
C PHE B 524 4.72 22.62 -2.26
N PHE B 525 5.59 22.62 -1.26
CA PHE B 525 7.00 22.41 -1.54
C PHE B 525 7.29 20.98 -1.98
N ASP B 526 6.51 20.02 -1.49
CA ASP B 526 6.65 18.64 -1.98
C ASP B 526 6.22 18.51 -3.43
N PHE B 527 5.18 19.25 -3.82
CA PHE B 527 4.73 19.25 -5.20
C PHE B 527 5.76 19.88 -6.13
N LEU B 528 6.35 21.01 -5.74
CA LEU B 528 7.47 21.56 -6.50
C LEU B 528 8.62 20.57 -6.56
N ALA B 529 8.89 19.86 -5.47
CA ALA B 529 10.02 18.93 -5.48
C ALA B 529 9.77 17.80 -6.48
N MET B 530 8.52 17.35 -6.54
CA MET B 530 8.16 16.30 -7.50
C MET B 530 8.44 16.74 -8.93
N ARG B 531 8.23 18.02 -9.22
CA ARG B 531 8.39 18.52 -10.59
C ARG B 531 9.84 18.71 -11.00
N LEU B 532 10.75 18.70 -10.03
CA LEU B 532 12.16 18.99 -10.32
C LEU B 532 12.74 17.96 -11.28
N LYS B 533 13.42 18.43 -12.33
CA LYS B 533 14.03 17.50 -13.29
C LYS B 533 15.40 17.08 -12.77
N GLY B 534 15.38 16.19 -11.78
CA GLY B 534 16.57 15.78 -11.04
C GLY B 534 17.80 15.50 -11.88
N PRO B 535 17.69 14.61 -12.88
CA PRO B 535 18.87 14.24 -13.66
C PRO B 535 19.51 15.44 -14.38
N ASP B 536 18.72 16.47 -14.66
CA ASP B 536 19.22 17.65 -15.36
C ASP B 536 20.06 18.55 -14.46
N VAL B 537 19.85 18.44 -13.15
CA VAL B 537 20.42 19.40 -12.19
C VAL B 537 21.21 18.75 -11.05
N ALA B 538 21.58 17.49 -11.21
CA ALA B 538 22.19 16.70 -10.13
C ALA B 538 23.46 17.34 -9.57
N ASP B 539 24.21 18.02 -10.44
CA ASP B 539 25.48 18.60 -10.04
C ASP B 539 25.32 20.01 -9.50
N LYS B 540 24.11 20.57 -9.59
CA LYS B 540 23.89 21.97 -9.19
C LYS B 540 23.43 22.07 -7.75
N HIS B 541 23.56 23.26 -7.18
CA HIS B 541 23.20 23.51 -5.79
C HIS B 541 22.59 24.90 -5.71
N ILE B 542 21.32 24.99 -5.31
CA ILE B 542 20.69 26.28 -5.00
C ILE B 542 20.09 26.23 -3.60
N THR B 543 20.36 27.25 -2.80
CA THR B 543 19.73 27.36 -1.49
C THR B 543 18.97 28.67 -1.40
N LEU B 544 17.68 28.61 -1.10
CA LEU B 544 16.88 29.84 -0.96
C LEU B 544 16.28 29.92 0.42
N ASN B 545 16.35 31.11 1.02
CA ASN B 545 15.63 31.37 2.25
C ASN B 545 14.33 32.05 1.88
N LEU B 546 13.21 31.51 2.37
CA LEU B 546 11.91 32.14 2.11
C LEU B 546 11.39 32.71 3.42
N ASP B 547 10.86 33.93 3.36
CA ASP B 547 10.28 34.55 4.53
C ASP B 547 8.87 35.00 4.16
N PHE B 548 7.88 34.33 4.74
CA PHE B 548 6.49 34.67 4.50
C PHE B 548 6.04 35.68 5.54
N THR B 549 5.93 36.94 5.13
CA THR B 549 5.78 38.07 6.03
C THR B 549 4.47 38.11 6.78
N ASP B 550 3.41 37.64 6.13
CA ASP B 550 2.11 37.59 6.78
C ASP B 550 2.04 36.47 7.81
N LEU B 551 2.58 35.31 7.44
CA LEU B 551 2.50 34.12 8.27
C LEU B 551 3.53 34.14 9.38
N LYS B 552 4.57 34.97 9.20
CA LYS B 552 5.75 34.96 10.08
C LYS B 552 6.31 33.54 10.11
N GLN B 553 6.41 32.93 8.92
CA GLN B 553 6.96 31.59 8.80
C GLN B 553 8.14 31.66 7.86
N LYS B 554 9.24 31.00 8.24
CA LYS B 554 10.43 31.00 7.41
C LYS B 554 10.78 29.59 6.97
N TYR B 555 11.29 29.46 5.76
CA TYR B 555 11.68 28.15 5.22
C TYR B 555 13.02 28.27 4.54
N THR B 556 13.74 27.16 4.49
CA THR B 556 14.91 27.05 3.62
C THR B 556 14.57 26.01 2.58
N LEU B 557 14.80 26.32 1.30
CA LEU B 557 14.62 25.36 0.22
C LEU B 557 16.02 25.06 -0.28
N GLU B 558 16.35 23.78 -0.43
CA GLU B 558 17.69 23.43 -0.88
C GLU B 558 17.59 22.45 -2.02
N MET B 559 18.04 22.90 -3.19
CA MET B 559 18.12 21.99 -4.34
C MET B 559 19.53 21.44 -4.35
N VAL B 560 19.66 20.13 -4.19
CA VAL B 560 20.96 19.49 -4.04
C VAL B 560 20.83 18.03 -4.41
N ASN B 561 21.85 17.51 -5.11
CA ASN B 561 21.81 16.12 -5.58
C ASN B 561 20.53 15.77 -6.33
N GLY B 562 20.01 16.71 -7.11
CA GLY B 562 18.85 16.44 -7.91
C GLY B 562 17.53 16.33 -7.16
N VAL B 563 17.48 16.83 -5.93
CA VAL B 563 16.21 16.88 -5.19
C VAL B 563 15.98 18.26 -4.61
N LEU B 564 14.74 18.55 -4.22
CA LEU B 564 14.41 19.80 -3.56
C LEU B 564 13.93 19.54 -2.15
N ASN B 565 14.78 19.81 -1.17
CA ASN B 565 14.44 19.63 0.24
C ASN B 565 13.83 20.93 0.77
N HIS B 566 12.96 20.84 1.76
CA HIS B 566 12.51 22.05 2.44
C HIS B 566 12.51 21.87 3.94
N THR B 567 12.80 22.95 4.66
CA THR B 567 12.76 22.90 6.12
C THR B 567 12.09 24.14 6.67
N GLU B 568 11.06 23.93 7.49
CA GLU B 568 10.38 25.04 8.16
C GLU B 568 11.19 25.50 9.38
N GLY B 569 11.13 26.80 9.68
CA GLY B 569 11.75 27.32 10.89
C GLY B 569 13.27 27.36 10.86
N MET B 570 13.83 27.47 9.66
CA MET B 570 15.27 27.63 9.50
C MET B 570 15.56 28.68 8.44
N GLN B 571 16.72 29.30 8.54
CA GLN B 571 17.26 30.14 7.48
C GLN B 571 18.73 29.78 7.31
N ALA B 572 19.15 29.50 6.08
CA ALA B 572 20.55 29.15 5.85
C ALA B 572 21.43 30.39 5.90
N LYS B 573 22.63 30.25 6.47
CA LYS B 573 23.57 31.35 6.51
C LYS B 573 24.06 31.70 5.10
N ASN B 574 24.31 30.67 4.32
CA ASN B 574 24.94 30.79 3.01
C ASN B 574 23.97 30.75 1.82
N ALA B 575 22.76 31.25 2.00
CA ALA B 575 21.76 31.13 0.94
C ALA B 575 22.16 31.96 -0.27
N ASP B 576 21.84 31.44 -1.46
CA ASP B 576 22.06 32.16 -2.69
C ASP B 576 21.20 33.44 -2.74
N ALA B 577 19.99 33.36 -2.17
CA ALA B 577 19.07 34.48 -2.15
C ALA B 577 18.05 34.34 -1.03
N THR B 578 17.51 35.47 -0.60
CA THR B 578 16.43 35.48 0.40
C THR B 578 15.20 36.09 -0.26
N VAL B 579 14.10 35.37 -0.19
CA VAL B 579 12.87 35.72 -0.90
C VAL B 579 11.79 36.05 0.11
N THR B 580 11.30 37.29 0.03
CA THR B 580 10.33 37.79 0.98
C THR B 580 9.01 38.04 0.26
N LEU B 581 7.93 37.46 0.77
CA LEU B 581 6.62 37.54 0.12
C LEU B 581 5.50 37.12 1.07
N THR B 582 4.26 37.38 0.68
CA THR B 582 3.12 36.89 1.43
C THR B 582 2.63 35.56 0.86
N ARG B 583 1.86 34.81 1.65
CA ARG B 583 1.30 33.55 1.16
C ARG B 583 0.33 33.84 0.01
N GLU B 584 -0.39 34.95 0.11
CA GLU B 584 -1.32 35.36 -0.94
C GLU B 584 -0.62 35.52 -2.28
N THR B 585 0.51 36.23 -2.28
CA THR B 585 1.32 36.39 -3.48
C THR B 585 1.74 35.03 -4.08
N LEU B 586 2.19 34.11 -3.23
CA LEU B 586 2.56 32.78 -3.69
C LEU B 586 1.37 32.07 -4.35
N ASN B 587 0.18 32.16 -3.74
CA ASN B 587 -1.02 31.56 -4.32
C ASN B 587 -1.32 32.15 -5.69
N ASN B 588 -1.15 33.47 -5.80
CA ASN B 588 -1.37 34.21 -7.04
C ASN B 588 -0.53 33.73 -8.22
N VAL B 589 0.72 33.38 -7.94
CA VAL B 589 1.63 32.86 -8.95
C VAL B 589 1.28 31.43 -9.33
N MET B 590 0.93 30.63 -8.33
CA MET B 590 0.59 29.24 -8.57
C MET B 590 -0.73 29.11 -9.33
N LEU B 591 -1.63 30.06 -9.09
CA LEU B 591 -2.91 30.08 -9.78
C LEU B 591 -2.80 30.83 -11.10
N LYS B 592 -1.56 31.12 -11.50
CA LYS B 592 -1.25 31.80 -12.76
C LYS B 592 -2.00 33.12 -12.94
N GLN B 593 -2.30 33.78 -11.82
CA GLN B 593 -2.92 35.10 -11.84
C GLN B 593 -1.89 36.18 -12.15
N THR B 594 -0.68 36.02 -11.62
CA THR B 594 0.48 36.80 -12.05
C THR B 594 1.67 35.87 -12.33
N THR B 595 2.55 36.30 -13.22
CA THR B 595 3.77 35.56 -13.47
C THR B 595 4.79 35.84 -12.39
N LEU B 596 5.72 34.90 -12.19
CA LEU B 596 6.83 35.09 -11.28
C LEU B 596 7.57 36.40 -11.55
N LYS B 597 7.81 36.70 -12.83
CA LYS B 597 8.56 37.89 -13.18
C LYS B 597 7.83 39.18 -12.82
N ASP B 598 6.53 39.21 -13.04
CA ASP B 598 5.72 40.40 -12.72
C ASP B 598 5.61 40.61 -11.21
N ALA B 599 5.54 39.51 -10.46
CA ALA B 599 5.51 39.55 -9.01
C ALA B 599 6.82 40.13 -8.46
N GLU B 600 7.93 39.78 -9.12
CA GLU B 600 9.23 40.34 -8.77
C GLU B 600 9.33 41.81 -9.15
N SER B 601 8.88 42.14 -10.36
CA SER B 601 8.89 43.53 -10.85
C SER B 601 8.11 44.46 -9.94
N SER B 602 6.94 43.99 -9.50
CA SER B 602 6.00 44.83 -8.74
C SER B 602 6.43 44.98 -7.28
N GLY B 603 7.35 44.14 -6.85
CA GLY B 603 7.85 44.20 -5.50
C GLY B 603 7.07 43.33 -4.54
N ASP B 604 6.08 42.60 -5.05
CA ASP B 604 5.32 41.66 -4.23
C ASP B 604 6.22 40.51 -3.78
N ILE B 605 7.21 40.20 -4.62
CA ILE B 605 8.26 39.26 -4.23
C ILE B 605 9.58 40.05 -4.20
N LYS B 606 10.15 40.18 -3.01
CA LYS B 606 11.39 40.93 -2.84
C LYS B 606 12.54 39.95 -2.67
N ILE B 607 13.63 40.19 -3.39
CA ILE B 607 14.75 39.27 -3.39
C ILE B 607 16.04 39.98 -2.95
N GLU B 608 16.69 39.45 -1.93
CA GLU B 608 18.01 39.92 -1.53
C GLU B 608 18.98 38.86 -2.01
N GLY B 609 20.12 39.27 -2.57
CA GLY B 609 21.07 38.26 -3.00
C GLY B 609 21.09 38.10 -4.51
N ASP B 610 21.35 36.88 -4.99
CA ASP B 610 21.38 36.61 -6.43
C ASP B 610 19.96 36.67 -6.96
N LYS B 611 19.65 37.75 -7.67
CA LYS B 611 18.29 38.05 -8.10
C LYS B 611 17.73 37.02 -9.08
N GLY B 612 18.59 36.19 -9.64
CA GLY B 612 18.16 35.24 -10.66
C GLY B 612 17.85 33.83 -10.20
N LYS B 613 18.13 33.53 -8.94
CA LYS B 613 18.10 32.16 -8.44
C LYS B 613 16.70 31.55 -8.31
N LEU B 614 15.69 32.36 -8.01
CA LEU B 614 14.33 31.83 -7.91
C LEU B 614 13.84 31.45 -9.30
N GLU B 615 14.04 32.35 -10.27
CA GLU B 615 13.73 32.04 -11.66
C GLU B 615 14.48 30.80 -12.12
N GLU B 616 15.75 30.69 -11.72
CA GLU B 616 16.56 29.54 -12.13
C GLU B 616 15.94 28.26 -11.61
N LEU B 617 15.59 28.26 -10.33
CA LEU B 617 14.99 27.07 -9.73
C LEU B 617 13.70 26.70 -10.46
N MET B 618 12.88 27.70 -10.74
CA MET B 618 11.61 27.41 -11.42
C MET B 618 11.81 26.90 -12.85
N SER B 619 12.92 27.28 -13.48
CA SER B 619 13.20 26.85 -14.85
C SER B 619 13.53 25.35 -14.92
N TYR B 620 13.84 24.75 -13.78
CA TYR B 620 14.16 23.32 -13.74
C TYR B 620 12.93 22.46 -13.45
N MET B 621 11.76 23.09 -13.39
CA MET B 621 10.52 22.37 -13.08
C MET B 621 9.89 21.80 -14.34
N ASP B 622 9.49 20.53 -14.27
CA ASP B 622 8.91 19.85 -15.42
C ASP B 622 7.46 20.27 -15.64
N ASN B 623 6.99 20.09 -16.86
CA ASN B 623 5.57 20.23 -17.18
C ASN B 623 5.09 18.93 -17.81
N PHE B 624 3.83 18.58 -17.60
CA PHE B 624 3.36 17.27 -18.05
C PHE B 624 2.31 17.35 -19.15
N ASP B 625 2.50 16.55 -20.20
CA ASP B 625 1.49 16.42 -21.24
C ASP B 625 0.43 15.50 -20.68
N PHE B 626 -0.80 15.97 -20.63
CA PHE B 626 -1.86 15.19 -20.01
C PHE B 626 -2.11 13.90 -20.78
N TRP B 627 -2.09 13.99 -22.10
CA TRP B 627 -2.57 12.87 -22.90
C TRP B 627 -1.49 11.87 -23.24
N PHE B 628 -0.82 11.36 -22.21
CA PHE B 628 0.23 10.38 -22.45
C PHE B 628 -0.33 9.04 -22.95
N ASN B 629 0.48 8.31 -23.70
CA ASN B 629 0.08 7.01 -24.24
C ASN B 629 -0.12 5.97 -23.14
N ILE B 630 -1.18 5.17 -23.29
CA ILE B 630 -1.46 4.08 -22.37
C ILE B 630 -1.42 2.71 -23.05
N VAL B 631 -2.09 2.59 -24.20
CA VAL B 631 -2.15 1.31 -24.92
C VAL B 631 -1.07 1.12 -26.01
N THR B 632 -0.22 2.12 -26.19
CA THR B 632 0.98 2.02 -27.03
C THR B 632 2.14 2.58 -26.19
N PRO B 633 3.39 2.27 -26.58
CA PRO B 633 4.51 2.78 -25.79
C PRO B 633 4.57 4.31 -25.76
#